data_6CVF
#
_entry.id   6CVF
#
_cell.length_a   54.880
_cell.length_b   104.750
_cell.length_c   153.750
_cell.angle_alpha   90.000
_cell.angle_beta   90.000
_cell.angle_gamma   90.000
#
_symmetry.space_group_name_H-M   'P 21 21 21'
#
loop_
_entity.id
_entity.type
_entity.pdbx_description
1 polymer 'ATP-dependent dethiobiotin synthetase BioD'
2 non-polymer "CYTIDINE-5'-DIPHOSPHATE"
3 non-polymer 'MAGNESIUM ION'
4 water water
#
_entity_poly.entity_id   1
_entity_poly.type   'polypeptide(L)'
_entity_poly.pdbx_seq_one_letter_code
;MGHHHHHHGGTILVVTGTGTGVGKTVVCAALASAARQAGIDVAVCKPVQTGTARGDDDLAEVGRLAGVTQLAGLARYPQP
MAPAAAAEHAGMALPARDQIVRLIADLDRPGRLTLVEGAGGLLVELAEPGVTLRDVAVDVAAAALVVVTADLGTLNHTKL
TLEALAAQQVSCAGLVIGSWPDPPGLVAASNRSALARIAMVRAALPAGAASLDAGDFAAMSAAAFDRNWVAGLVG
;
_entity_poly.pdbx_strand_id   A,B,C,D
#
# COMPACT_ATOMS: atom_id res chain seq x y z
N GLY A 9 8.52 8.97 20.10
CA GLY A 9 9.28 9.73 19.14
C GLY A 9 8.46 10.74 18.37
N GLY A 10 9.04 11.27 17.29
CA GLY A 10 8.29 12.05 16.33
C GLY A 10 8.14 11.27 15.04
N THR A 11 8.22 11.92 13.90
CA THR A 11 8.14 11.24 12.62
C THR A 11 9.50 11.27 11.95
N ILE A 12 10.01 10.07 11.63
CA ILE A 12 11.22 9.91 10.84
C ILE A 12 10.80 9.57 9.41
N LEU A 13 11.35 10.30 8.44
CA LEU A 13 11.16 10.00 7.02
C LEU A 13 12.52 9.83 6.35
N VAL A 14 12.75 8.67 5.70
CA VAL A 14 13.89 8.60 4.79
C VAL A 14 13.48 9.19 3.46
N VAL A 15 14.39 9.93 2.84
CA VAL A 15 14.18 10.53 1.52
C VAL A 15 15.16 9.85 0.56
N THR A 16 14.63 9.00 -0.31
CA THR A 16 15.45 8.26 -1.26
C THR A 16 15.09 8.71 -2.68
N GLY A 17 15.83 8.21 -3.65
CA GLY A 17 15.59 8.56 -5.03
C GLY A 17 15.70 7.34 -5.92
N THR A 18 15.16 7.50 -7.12
CA THR A 18 15.34 6.47 -8.13
C THR A 18 16.74 6.47 -8.70
N GLY A 19 17.54 7.49 -8.41
CA GLY A 19 18.92 7.52 -8.86
C GLY A 19 19.69 8.59 -8.13
N THR A 20 20.89 8.88 -8.63
CA THR A 20 21.64 10.04 -8.19
C THR A 20 21.21 11.26 -9.00
N GLY A 21 21.33 12.44 -8.39
CA GLY A 21 21.01 13.68 -9.09
C GLY A 21 19.56 13.81 -9.51
N VAL A 22 18.63 13.21 -8.75
CA VAL A 22 17.21 13.37 -9.05
C VAL A 22 16.59 14.52 -8.25
N GLY A 23 17.35 15.16 -7.38
CA GLY A 23 16.83 16.24 -6.56
C GLY A 23 16.49 15.90 -5.12
N LYS A 24 17.00 14.79 -4.58
CA LYS A 24 16.81 14.44 -3.18
C LYS A 24 17.08 15.61 -2.25
N THR A 25 18.23 16.27 -2.45
CA THR A 25 18.67 17.34 -1.54
C THR A 25 17.73 18.54 -1.60
N VAL A 26 17.32 18.94 -2.80
CA VAL A 26 16.38 20.04 -2.93
C VAL A 26 15.04 19.67 -2.30
N VAL A 27 14.61 18.42 -2.49
CA VAL A 27 13.36 17.97 -1.89
C VAL A 27 13.45 18.04 -0.37
N CYS A 28 14.53 17.48 0.20
CA CYS A 28 14.73 17.58 1.64
C CYS A 28 14.60 19.02 2.11
N ALA A 29 15.29 19.94 1.43
CA ALA A 29 15.21 21.36 1.77
C ALA A 29 13.79 21.88 1.65
N ALA A 30 13.09 21.52 0.56
CA ALA A 30 11.74 22.03 0.35
C ALA A 30 10.76 21.49 1.39
N LEU A 31 10.81 20.18 1.66
CA LEU A 31 9.91 19.64 2.67
C LEU A 31 10.25 20.20 4.05
N ALA A 32 11.53 20.30 4.37
CA ALA A 32 11.93 20.92 5.62
C ALA A 32 11.36 22.32 5.72
N SER A 33 11.43 23.07 4.62
CA SER A 33 10.96 24.46 4.60
C SER A 33 9.46 24.54 4.82
N ALA A 34 8.69 23.73 4.10
CA ALA A 34 7.24 23.71 4.27
C ALA A 34 6.86 23.31 5.70
N ALA A 35 7.51 22.27 6.26
CA ALA A 35 7.20 21.88 7.63
C ALA A 35 7.59 22.98 8.61
N ARG A 36 8.75 23.59 8.42
CA ARG A 36 9.13 24.70 9.29
C ARG A 36 8.08 25.81 9.27
N GLN A 37 7.59 26.15 8.08
CA GLN A 37 6.55 27.19 7.99
C GLN A 37 5.24 26.75 8.60
N ALA A 38 5.01 25.44 8.75
CA ALA A 38 3.87 24.95 9.51
C ALA A 38 4.13 24.88 11.02
N GLY A 39 5.22 25.47 11.49
CA GLY A 39 5.57 25.37 12.90
C GLY A 39 6.11 24.03 13.34
N ILE A 40 6.41 23.13 12.41
CA ILE A 40 6.96 21.81 12.73
C ILE A 40 8.47 21.96 12.92
N ASP A 41 9.00 21.38 14.01
CA ASP A 41 10.43 21.31 14.19
C ASP A 41 11.02 20.26 13.24
N VAL A 42 12.13 20.61 12.59
CA VAL A 42 12.71 19.82 11.51
C VAL A 42 14.18 19.54 11.80
N ALA A 43 14.61 18.30 11.55
CA ALA A 43 16.02 17.93 11.53
C ALA A 43 16.32 17.20 10.22
N VAL A 44 17.49 17.45 9.65
CA VAL A 44 17.90 16.78 8.43
C VAL A 44 19.21 16.05 8.68
N CYS A 45 19.20 14.78 8.39
CA CYS A 45 20.27 13.88 8.73
C CYS A 45 20.83 13.29 7.43
N LYS A 46 22.17 13.24 7.32
CA LYS A 46 22.85 12.70 6.14
C LYS A 46 23.91 11.71 6.59
N PRO A 47 23.54 10.43 6.75
CA PRO A 47 24.47 9.48 7.38
C PRO A 47 25.73 9.20 6.57
N VAL A 48 25.70 9.31 5.24
CA VAL A 48 26.85 9.01 4.37
C VAL A 48 26.92 10.06 3.27
N GLN A 49 27.98 10.87 3.27
CA GLN A 49 28.20 11.92 2.28
C GLN A 49 29.48 11.62 1.51
N THR A 50 29.40 11.57 0.19
CA THR A 50 30.55 11.36 -0.68
C THR A 50 30.87 12.63 -1.44
N GLY A 51 31.96 12.60 -2.20
CA GLY A 51 32.37 13.74 -3.01
C GLY A 51 32.72 15.00 -2.25
N THR A 52 33.15 14.91 -0.98
CA THR A 52 33.41 16.14 -0.24
C THR A 52 34.60 16.89 -0.80
N ALA A 53 35.54 16.18 -1.45
CA ALA A 53 36.68 16.83 -2.07
C ALA A 53 36.29 17.58 -3.34
N ARG A 54 35.08 17.38 -3.84
CA ARG A 54 34.54 18.21 -4.91
C ARG A 54 33.60 19.30 -4.39
N GLY A 55 33.45 19.43 -3.07
CA GLY A 55 32.52 20.37 -2.51
C GLY A 55 31.13 19.85 -2.26
N ASP A 56 30.87 18.56 -2.46
CA ASP A 56 29.55 17.99 -2.23
C ASP A 56 29.22 17.97 -0.74
N ASP A 57 28.13 18.62 -0.36
CA ASP A 57 27.74 18.69 1.06
C ASP A 57 26.24 19.00 1.12
N ASP A 58 25.42 17.95 1.20
CA ASP A 58 23.97 18.13 1.15
C ASP A 58 23.42 18.79 2.40
N LEU A 59 23.96 18.43 3.58
CA LEU A 59 23.55 19.12 4.81
C LEU A 59 23.75 20.64 4.69
N ALA A 60 24.94 21.05 4.27
CA ALA A 60 25.22 22.47 4.10
C ALA A 60 24.28 23.09 3.07
N GLU A 61 23.90 22.31 2.05
CA GLU A 61 23.03 22.85 1.01
C GLU A 61 21.59 22.97 1.49
N VAL A 62 21.13 22.00 2.29
CA VAL A 62 19.81 22.12 2.91
C VAL A 62 19.77 23.34 3.81
N GLY A 63 20.87 23.62 4.52
CA GLY A 63 20.93 24.81 5.34
C GLY A 63 20.89 26.09 4.50
N ARG A 64 21.63 26.10 3.39
CA ARG A 64 21.61 27.28 2.53
C ARG A 64 20.22 27.55 1.98
N LEU A 65 19.51 26.48 1.60
CA LEU A 65 18.24 26.66 0.90
C LEU A 65 17.10 26.97 1.86
N ALA A 66 17.01 26.25 2.98
CA ALA A 66 15.81 26.32 3.82
C ALA A 66 16.07 26.83 5.23
N GLY A 67 17.30 27.16 5.57
CA GLY A 67 17.62 27.69 6.87
C GLY A 67 17.75 26.68 7.99
N VAL A 68 17.58 25.39 7.71
CA VAL A 68 17.68 24.35 8.75
C VAL A 68 19.03 24.44 9.45
N THR A 69 19.01 24.36 10.78
CA THR A 69 20.25 24.36 11.55
C THR A 69 20.51 23.05 12.29
N GLN A 70 19.48 22.24 12.52
CA GLN A 70 19.63 20.93 13.15
C GLN A 70 20.02 19.94 12.06
N LEU A 71 21.34 19.80 11.85
CA LEU A 71 21.90 19.10 10.70
C LEU A 71 22.94 18.10 11.20
N ALA A 72 22.73 16.82 10.90
CA ALA A 72 23.59 15.77 11.46
C ALA A 72 24.17 14.89 10.38
N GLY A 73 25.50 14.76 10.38
CA GLY A 73 26.22 13.89 9.49
C GLY A 73 26.98 12.82 10.26
N LEU A 74 27.57 11.89 9.52
CA LEU A 74 28.30 10.82 10.19
C LEU A 74 29.56 10.45 9.39
N ALA A 75 29.40 9.84 8.23
CA ALA A 75 30.54 9.52 7.39
C ALA A 75 30.61 10.48 6.21
N ARG A 76 31.84 10.89 5.88
CA ARG A 76 32.16 11.78 4.77
C ARG A 76 33.36 11.21 4.03
N TYR A 77 33.25 11.10 2.71
CA TYR A 77 34.38 10.63 1.93
C TYR A 77 34.69 11.62 0.81
N PRO A 78 35.98 11.86 0.54
CA PRO A 78 36.36 12.87 -0.47
C PRO A 78 35.87 12.58 -1.88
N GLN A 79 36.00 11.35 -2.36
CA GLN A 79 35.82 11.09 -3.78
C GLN A 79 34.34 10.94 -4.14
N PRO A 80 33.92 11.47 -5.31
CA PRO A 80 32.51 11.38 -5.78
C PRO A 80 32.17 10.01 -6.37
N MET A 81 32.05 9.02 -5.48
CA MET A 81 31.80 7.63 -5.86
C MET A 81 30.71 7.07 -4.96
N ALA A 82 30.24 5.86 -5.28
CA ALA A 82 29.37 5.15 -4.34
C ALA A 82 30.09 5.10 -2.99
N PRO A 83 29.36 5.12 -1.89
CA PRO A 83 30.02 5.09 -0.56
C PRO A 83 31.09 4.01 -0.41
N ALA A 84 30.79 2.77 -0.81
CA ALA A 84 31.76 1.68 -0.67
C ALA A 84 33.04 1.97 -1.44
N ALA A 85 32.92 2.52 -2.65
CA ALA A 85 34.11 2.84 -3.44
C ALA A 85 34.81 4.08 -2.90
N ALA A 86 34.05 5.08 -2.42
CA ALA A 86 34.68 6.27 -1.87
C ALA A 86 35.46 5.93 -0.60
N ALA A 87 34.92 5.04 0.23
CA ALA A 87 35.62 4.66 1.46
C ALA A 87 36.89 3.88 1.14
N GLU A 88 36.81 2.92 0.21
CA GLU A 88 38.01 2.19 -0.20
C GLU A 88 39.09 3.14 -0.69
N HIS A 89 38.70 4.10 -1.53
CA HIS A 89 39.68 5.06 -2.05
C HIS A 89 40.39 5.77 -0.91
N ALA A 90 39.64 6.20 0.10
CA ALA A 90 40.20 6.97 1.20
C ALA A 90 40.85 6.08 2.26
N GLY A 91 40.78 4.76 2.09
CA GLY A 91 41.27 3.88 3.13
C GLY A 91 40.47 3.94 4.41
N MET A 92 39.20 4.34 4.34
CA MET A 92 38.32 4.39 5.49
C MET A 92 37.29 3.25 5.39
N ALA A 93 36.52 3.08 6.45
CA ALA A 93 35.48 2.07 6.48
C ALA A 93 34.11 2.71 6.40
N LEU A 94 33.16 1.96 5.84
CA LEU A 94 31.76 2.33 5.96
C LEU A 94 31.34 2.28 7.43
N PRO A 95 30.42 3.16 7.85
CA PRO A 95 29.89 3.05 9.22
C PRO A 95 29.17 1.73 9.43
N ALA A 96 29.04 1.35 10.69
CA ALA A 96 28.24 0.17 10.97
C ALA A 96 26.76 0.55 10.91
N ARG A 97 25.92 -0.47 10.74
CA ARG A 97 24.49 -0.25 10.67
C ARG A 97 23.98 0.46 11.93
N ASP A 98 24.41 0.01 13.10
CA ASP A 98 23.94 0.62 14.34
C ASP A 98 24.46 2.04 14.55
N GLN A 99 25.56 2.42 13.90
CA GLN A 99 26.02 3.80 14.01
C GLN A 99 25.08 4.75 13.27
N ILE A 100 24.56 4.32 12.11
CA ILE A 100 23.60 5.14 11.38
C ILE A 100 22.31 5.27 12.18
N VAL A 101 21.82 4.15 12.73
CA VAL A 101 20.58 4.17 13.49
C VAL A 101 20.72 5.06 14.71
N ARG A 102 21.87 5.00 15.39
CA ARG A 102 22.10 5.87 16.53
C ARG A 102 22.02 7.33 16.11
N LEU A 103 22.66 7.66 14.98
CA LEU A 103 22.63 9.04 14.49
C LEU A 103 21.20 9.55 14.35
N ILE A 104 20.31 8.70 13.83
CA ILE A 104 18.91 9.07 13.61
C ILE A 104 18.13 9.12 14.92
N ALA A 105 18.35 8.14 15.80
CA ALA A 105 17.62 8.07 17.06
C ALA A 105 17.98 9.22 18.00
N ASP A 106 19.22 9.70 17.94
CA ASP A 106 19.60 10.87 18.73
C ASP A 106 18.78 12.09 18.34
N LEU A 107 18.36 12.16 17.08
CA LEU A 107 17.61 13.30 16.58
C LEU A 107 16.11 13.17 16.82
N ASP A 108 15.60 11.95 16.82
CA ASP A 108 14.16 11.73 16.89
C ASP A 108 13.59 12.31 18.18
N ARG A 109 12.42 12.97 18.06
CA ARG A 109 11.82 13.71 19.16
C ARG A 109 10.34 13.88 18.87
N PRO A 110 9.46 13.80 19.87
CA PRO A 110 8.04 14.15 19.64
C PRO A 110 7.89 15.55 19.05
N GLY A 111 6.93 15.70 18.15
CA GLY A 111 6.74 16.95 17.45
C GLY A 111 7.74 17.27 16.37
N ARG A 112 8.75 16.42 16.17
CA ARG A 112 9.81 16.71 15.21
C ARG A 112 9.66 15.86 13.95
N LEU A 113 9.87 16.51 12.79
CA LEU A 113 10.07 15.84 11.51
C LEU A 113 11.57 15.65 11.30
N THR A 114 12.03 14.41 11.35
CA THR A 114 13.43 14.09 11.11
C THR A 114 13.53 13.45 9.73
N LEU A 115 14.34 14.05 8.85
CA LEU A 115 14.50 13.61 7.47
C LEU A 115 15.87 12.99 7.30
N VAL A 116 15.92 11.79 6.72
CA VAL A 116 17.16 11.05 6.51
C VAL A 116 17.42 10.96 5.01
N GLU A 117 18.42 11.70 4.53
CA GLU A 117 18.70 11.73 3.10
C GLU A 117 19.68 10.63 2.76
N GLY A 118 19.26 9.71 1.89
CA GLY A 118 20.13 8.65 1.43
C GLY A 118 21.28 9.16 0.58
N ALA A 119 22.05 8.23 0.04
CA ALA A 119 23.13 8.54 -0.87
C ALA A 119 22.86 7.80 -2.17
N GLY A 120 22.61 8.54 -3.24
CA GLY A 120 22.13 7.86 -4.43
C GLY A 120 20.80 7.16 -4.21
N GLY A 121 20.66 5.95 -4.75
CA GLY A 121 19.40 5.24 -4.75
C GLY A 121 19.17 4.36 -3.52
N LEU A 122 18.01 3.70 -3.51
CA LEU A 122 17.56 3.00 -2.31
C LEU A 122 18.46 1.84 -1.95
N LEU A 123 19.06 1.16 -2.93
CA LEU A 123 19.85 -0.02 -2.62
C LEU A 123 21.37 0.27 -2.62
N VAL A 124 21.78 1.55 -2.60
CA VAL A 124 23.19 1.86 -2.39
C VAL A 124 23.64 1.33 -1.03
N GLU A 125 24.80 0.67 -0.99
CA GLU A 125 25.29 0.10 0.25
C GLU A 125 25.82 1.20 1.18
N LEU A 126 25.19 1.37 2.34
CA LEU A 126 25.59 2.41 3.29
C LEU A 126 26.44 1.89 4.44
N ALA A 127 26.30 0.60 4.77
CA ALA A 127 27.02 -0.03 5.85
C ALA A 127 27.41 -1.43 5.41
N GLU A 128 28.36 -2.02 6.12
CA GLU A 128 28.59 -3.40 5.70
C GLU A 128 27.79 -4.36 6.57
N PRO A 129 27.44 -5.55 6.06
CA PRO A 129 27.64 -6.03 4.68
C PRO A 129 26.41 -5.82 3.81
N GLY A 130 26.52 -4.92 2.83
CA GLY A 130 25.39 -4.65 1.96
C GLY A 130 24.18 -4.06 2.66
N VAL A 131 24.39 -3.47 3.84
CA VAL A 131 23.29 -2.80 4.52
C VAL A 131 22.90 -1.54 3.74
N THR A 132 21.62 -1.37 3.48
CA THR A 132 21.16 -0.22 2.72
C THR A 132 20.24 0.65 3.55
N LEU A 133 19.82 1.76 2.92
CA LEU A 133 18.84 2.66 3.51
C LEU A 133 17.48 1.96 3.72
N ARG A 134 17.15 0.97 2.90
CA ARG A 134 15.95 0.19 3.17
C ARG A 134 16.02 -0.46 4.53
N ASP A 135 17.17 -1.08 4.85
CA ASP A 135 17.38 -1.69 6.16
C ASP A 135 17.25 -0.66 7.28
N VAL A 136 17.81 0.53 7.06
CA VAL A 136 17.81 1.56 8.09
C VAL A 136 16.38 2.00 8.38
N ALA A 137 15.59 2.19 7.32
CA ALA A 137 14.19 2.56 7.50
C ALA A 137 13.44 1.50 8.30
N VAL A 138 13.75 0.22 8.07
CA VAL A 138 13.14 -0.82 8.90
C VAL A 138 13.54 -0.62 10.36
N ASP A 139 14.84 -0.31 10.60
CA ASP A 139 15.35 -0.25 11.98
C ASP A 139 14.72 0.91 12.76
N VAL A 140 14.51 2.05 12.13
CA VAL A 140 13.94 3.19 12.82
C VAL A 140 12.44 3.34 12.54
N ALA A 141 11.83 2.36 11.88
CA ALA A 141 10.40 2.34 11.53
C ALA A 141 9.98 3.62 10.80
N ALA A 142 10.79 4.01 9.81
CA ALA A 142 10.46 5.15 8.98
C ALA A 142 9.80 4.71 7.68
N ALA A 143 8.87 5.53 7.20
CA ALA A 143 8.41 5.46 5.83
C ALA A 143 9.42 6.13 4.89
N ALA A 144 9.25 5.90 3.59
CA ALA A 144 10.17 6.40 2.57
C ALA A 144 9.47 7.37 1.62
N LEU A 145 10.07 8.53 1.42
CA LEU A 145 9.65 9.49 0.39
C LEU A 145 10.56 9.29 -0.82
N VAL A 146 9.97 9.01 -1.99
CA VAL A 146 10.74 8.57 -3.16
C VAL A 146 10.77 9.72 -4.16
N VAL A 147 11.97 10.26 -4.41
CA VAL A 147 12.17 11.34 -5.35
C VAL A 147 12.42 10.75 -6.73
N VAL A 148 11.65 11.22 -7.73
CA VAL A 148 11.73 10.70 -9.09
C VAL A 148 11.94 11.85 -10.06
N THR A 149 12.36 11.50 -11.28
CA THR A 149 12.39 12.39 -12.43
C THR A 149 11.03 12.34 -13.15
N ALA A 150 10.86 13.25 -14.11
CA ALA A 150 9.73 13.15 -15.04
C ALA A 150 10.17 12.68 -16.42
N ASP A 151 11.41 12.23 -16.57
CA ASP A 151 11.98 11.91 -17.87
C ASP A 151 11.73 10.45 -18.23
N LEU A 152 12.06 10.11 -19.47
CA LEU A 152 12.04 8.73 -19.97
C LEU A 152 12.68 7.77 -18.97
N GLY A 153 11.95 6.70 -18.65
CA GLY A 153 12.47 5.68 -17.77
C GLY A 153 12.07 5.83 -16.32
N THR A 154 11.43 6.95 -15.94
CA THR A 154 11.08 7.17 -14.54
C THR A 154 10.08 6.13 -14.05
N LEU A 155 9.16 5.69 -14.91
CA LEU A 155 8.11 4.75 -14.49
C LEU A 155 8.69 3.42 -14.05
N ASN A 156 9.60 2.86 -14.86
CA ASN A 156 10.33 1.65 -14.51
C ASN A 156 11.11 1.81 -13.20
N HIS A 157 11.84 2.93 -13.07
CA HIS A 157 12.67 3.16 -11.89
C HIS A 157 11.81 3.35 -10.64
N THR A 158 10.73 4.10 -10.75
CA THR A 158 9.84 4.29 -9.61
C THR A 158 9.21 2.96 -9.20
N LYS A 159 8.72 2.18 -10.17
CA LYS A 159 8.10 0.91 -9.81
C LYS A 159 9.12 -0.06 -9.20
N LEU A 160 10.35 -0.07 -9.73
CA LEU A 160 11.37 -0.94 -9.14
C LEU A 160 11.66 -0.54 -7.70
N THR A 161 11.84 0.76 -7.44
CA THR A 161 12.06 1.24 -6.08
C THR A 161 10.88 0.89 -5.16
N LEU A 162 9.64 1.12 -5.62
CA LEU A 162 8.46 0.84 -4.81
C LEU A 162 8.33 -0.65 -4.48
N GLU A 163 8.60 -1.53 -5.44
CA GLU A 163 8.64 -2.96 -5.13
C GLU A 163 9.66 -3.26 -4.04
N ALA A 164 10.87 -2.69 -4.17
CA ALA A 164 11.93 -2.95 -3.20
C ALA A 164 11.50 -2.53 -1.80
N LEU A 165 10.80 -1.40 -1.70
CA LEU A 165 10.27 -0.95 -0.40
C LEU A 165 9.25 -1.94 0.15
N ALA A 166 8.30 -2.37 -0.69
CA ALA A 166 7.26 -3.29 -0.23
C ALA A 166 7.85 -4.61 0.22
N ALA A 167 8.96 -5.04 -0.38
CA ALA A 167 9.53 -6.33 -0.06
C ALA A 167 10.01 -6.40 1.38
N GLN A 168 10.26 -5.24 2.01
CA GLN A 168 10.68 -5.18 3.41
C GLN A 168 9.68 -4.42 4.27
N GLN A 169 8.46 -4.25 3.76
CA GLN A 169 7.39 -3.58 4.49
C GLN A 169 7.76 -2.16 4.88
N VAL A 170 8.55 -1.48 4.05
CA VAL A 170 8.83 -0.07 4.25
C VAL A 170 7.74 0.71 3.53
N SER A 171 6.91 1.39 4.29
CA SER A 171 5.82 2.18 3.72
C SER A 171 6.37 3.26 2.79
N CYS A 172 5.69 3.49 1.67
CA CYS A 172 6.02 4.60 0.78
C CYS A 172 5.19 5.83 1.18
N ALA A 173 5.86 6.88 1.64
CA ALA A 173 5.16 8.09 2.05
C ALA A 173 4.66 8.90 0.86
N GLY A 174 5.00 8.49 -0.35
CA GLY A 174 4.61 9.15 -1.57
C GLY A 174 5.81 9.44 -2.46
N LEU A 175 5.50 10.05 -3.60
CA LEU A 175 6.49 10.45 -4.60
C LEU A 175 6.63 11.95 -4.63
N VAL A 176 7.83 12.43 -4.97
CA VAL A 176 8.07 13.83 -5.29
C VAL A 176 8.85 13.86 -6.60
N ILE A 177 8.35 14.60 -7.58
CA ILE A 177 9.09 14.82 -8.82
C ILE A 177 10.16 15.85 -8.51
N GLY A 178 11.43 15.43 -8.54
CA GLY A 178 12.50 16.28 -8.02
C GLY A 178 12.71 17.56 -8.81
N SER A 179 12.63 17.47 -10.14
CA SER A 179 12.76 18.62 -11.02
C SER A 179 11.65 18.56 -12.06
N TRP A 180 10.82 19.60 -12.11
CA TRP A 180 9.69 19.65 -13.01
C TRP A 180 9.90 20.75 -14.05
N PRO A 181 9.98 20.43 -15.34
CA PRO A 181 10.28 21.44 -16.36
C PRO A 181 9.10 22.37 -16.65
N ASP A 182 9.44 23.61 -16.98
CA ASP A 182 8.45 24.62 -17.37
C ASP A 182 8.86 25.22 -18.71
N PRO A 183 8.14 24.93 -19.80
CA PRO A 183 6.95 24.07 -19.80
C PRO A 183 7.28 22.58 -19.86
N PRO A 184 6.37 21.73 -19.40
CA PRO A 184 6.59 20.29 -19.53
C PRO A 184 6.35 19.83 -20.96
N GLY A 185 7.26 19.01 -21.48
CA GLY A 185 7.04 18.33 -22.74
C GLY A 185 6.00 17.23 -22.60
N LEU A 186 5.72 16.59 -23.73
CA LEU A 186 4.73 15.50 -23.78
C LEU A 186 5.13 14.35 -22.87
N VAL A 187 6.40 13.93 -22.95
CA VAL A 187 6.86 12.79 -22.15
C VAL A 187 6.75 13.10 -20.67
N ALA A 188 7.12 14.31 -20.27
CA ALA A 188 7.04 14.70 -18.86
C ALA A 188 5.60 14.73 -18.37
N ALA A 189 4.68 15.25 -19.17
CA ALA A 189 3.30 15.33 -18.72
C ALA A 189 2.67 13.95 -18.64
N SER A 190 3.00 13.08 -19.61
CA SER A 190 2.57 11.70 -19.57
C SER A 190 3.10 11.00 -18.33
N ASN A 191 4.41 11.13 -18.09
CA ASN A 191 5.00 10.48 -16.92
C ASN A 191 4.31 10.97 -15.64
N ARG A 192 4.05 12.27 -15.54
CA ARG A 192 3.45 12.79 -14.32
C ARG A 192 2.09 12.15 -14.07
N SER A 193 1.24 12.13 -15.10
CA SER A 193 -0.07 11.49 -14.97
C SER A 193 0.06 10.03 -14.60
N ALA A 194 1.06 9.33 -15.16
CA ALA A 194 1.23 7.92 -14.83
C ALA A 194 1.79 7.72 -13.44
N LEU A 195 2.68 8.61 -12.98
CA LEU A 195 3.21 8.47 -11.64
C LEU A 195 2.10 8.61 -10.60
N ALA A 196 1.14 9.50 -10.84
CA ALA A 196 0.03 9.65 -9.90
C ALA A 196 -0.87 8.41 -9.82
N ARG A 197 -0.81 7.52 -10.81
CA ARG A 197 -1.56 6.26 -10.72
C ARG A 197 -0.77 5.20 -9.97
N ILE A 198 0.53 5.42 -9.79
CA ILE A 198 1.40 4.48 -9.09
C ILE A 198 1.40 4.74 -7.59
N ALA A 199 1.32 6.01 -7.19
CA ALA A 199 1.38 6.43 -5.79
C ALA A 199 1.11 7.92 -5.74
N MET A 200 0.78 8.41 -4.55
CA MET A 200 0.53 9.84 -4.36
C MET A 200 1.74 10.63 -4.78
N VAL A 201 1.53 11.62 -5.65
CA VAL A 201 2.57 12.58 -5.98
C VAL A 201 2.41 13.75 -5.01
N ARG A 202 3.35 13.86 -4.06
CA ARG A 202 3.26 14.88 -3.02
C ARG A 202 3.65 16.26 -3.53
N ALA A 203 4.53 16.32 -4.53
CA ALA A 203 4.95 17.60 -5.07
C ALA A 203 5.74 17.36 -6.34
N ALA A 204 5.88 18.41 -7.13
CA ALA A 204 6.76 18.43 -8.30
C ALA A 204 7.49 19.76 -8.24
N LEU A 205 8.75 19.72 -7.87
CA LEU A 205 9.46 20.95 -7.58
C LEU A 205 9.91 21.63 -8.88
N PRO A 206 9.64 22.93 -9.03
CA PRO A 206 10.07 23.63 -10.25
C PRO A 206 11.56 23.50 -10.50
N ALA A 207 11.90 23.20 -11.76
CA ALA A 207 13.30 23.12 -12.19
C ALA A 207 14.10 24.35 -11.77
N GLY A 208 15.37 24.11 -11.42
CA GLY A 208 16.25 25.20 -11.06
C GLY A 208 15.88 25.91 -9.77
N ALA A 209 15.21 25.22 -8.85
CA ALA A 209 14.83 25.83 -7.58
C ALA A 209 16.02 26.16 -6.71
N ALA A 210 17.19 25.55 -6.97
CA ALA A 210 18.36 25.84 -6.15
C ALA A 210 18.89 27.25 -6.35
N SER A 211 18.39 28.00 -7.33
CA SER A 211 18.77 29.40 -7.51
C SER A 211 17.79 30.37 -6.88
N LEU A 212 16.73 29.88 -6.23
CA LEU A 212 15.83 30.77 -5.52
C LEU A 212 16.48 31.20 -4.21
N ASP A 213 16.30 32.47 -3.86
CA ASP A 213 16.80 32.95 -2.57
C ASP A 213 15.91 32.42 -1.45
N ALA A 214 16.32 32.72 -0.21
CA ALA A 214 15.62 32.17 0.95
C ALA A 214 14.12 32.38 0.87
N GLY A 215 13.69 33.58 0.48
CA GLY A 215 12.27 33.88 0.44
C GLY A 215 11.54 33.16 -0.68
N ASP A 216 12.07 33.24 -1.90
CA ASP A 216 11.43 32.57 -3.04
C ASP A 216 11.47 31.05 -2.88
N PHE A 217 12.54 30.52 -2.30
CA PHE A 217 12.57 29.08 -2.02
C PHE A 217 11.48 28.71 -1.03
N ALA A 218 11.38 29.46 0.08
CA ALA A 218 10.37 29.15 1.09
C ALA A 218 8.97 29.25 0.52
N ALA A 219 8.71 30.27 -0.30
CA ALA A 219 7.39 30.42 -0.92
C ALA A 219 7.10 29.23 -1.85
N MET A 220 8.05 28.92 -2.73
CA MET A 220 7.96 27.73 -3.57
C MET A 220 7.66 26.49 -2.75
N SER A 221 8.31 26.33 -1.59
CA SER A 221 8.13 25.13 -0.79
C SER A 221 6.75 25.06 -0.14
N ALA A 222 6.23 26.18 0.36
CA ALA A 222 4.90 26.18 0.94
C ALA A 222 3.85 25.83 -0.10
N ALA A 223 4.00 26.35 -1.31
CA ALA A 223 3.04 26.05 -2.38
C ALA A 223 3.19 24.63 -2.93
N ALA A 224 4.40 24.06 -2.88
CA ALA A 224 4.64 22.79 -3.58
C ALA A 224 3.93 21.62 -2.91
N PHE A 225 3.76 21.66 -1.58
CA PHE A 225 3.18 20.57 -0.81
C PHE A 225 1.78 20.93 -0.33
N ASP A 226 0.93 19.91 -0.21
CA ASP A 226 -0.38 20.07 0.40
C ASP A 226 -0.24 20.29 1.91
N ARG A 227 -0.78 21.40 2.41
CA ARG A 227 -0.59 21.76 3.81
C ARG A 227 -1.11 20.68 4.73
N ASN A 228 -2.25 20.07 4.39
CA ASN A 228 -2.79 18.98 5.20
C ASN A 228 -1.81 17.83 5.30
N TRP A 229 -1.22 17.43 4.15
CA TRP A 229 -0.29 16.31 4.16
C TRP A 229 0.92 16.63 5.04
N VAL A 230 1.52 17.81 4.85
CA VAL A 230 2.66 18.20 5.66
C VAL A 230 2.26 18.24 7.14
N ALA A 231 1.22 19.00 7.47
CA ALA A 231 0.77 19.08 8.86
C ALA A 231 0.45 17.71 9.43
N GLY A 232 0.02 16.77 8.59
CA GLY A 232 -0.32 15.43 9.07
C GLY A 232 0.86 14.53 9.28
N LEU A 233 2.05 14.95 8.84
CA LEU A 233 3.22 14.10 9.03
C LEU A 233 3.61 13.95 10.50
N VAL A 234 3.28 14.91 11.37
CA VAL A 234 3.63 14.74 12.78
C VAL A 234 2.69 15.56 13.66
N GLY A 235 2.20 14.92 14.72
CA GLY A 235 1.15 15.47 15.58
C GLY A 235 1.66 15.91 16.92
N GLY B 9 11.51 -27.49 -27.30
CA GLY B 9 11.93 -26.15 -26.91
C GLY B 9 13.43 -25.91 -27.00
N GLY B 10 13.82 -24.64 -27.08
CA GLY B 10 15.22 -24.25 -27.09
C GLY B 10 15.54 -23.35 -25.91
N THR B 11 16.30 -22.28 -26.14
CA THR B 11 16.65 -21.34 -25.09
C THR B 11 16.09 -19.98 -25.43
N ILE B 12 15.29 -19.43 -24.52
CA ILE B 12 14.71 -18.09 -24.62
C ILE B 12 15.35 -17.22 -23.55
N LEU B 13 15.93 -16.09 -23.96
CA LEU B 13 16.40 -15.06 -23.05
C LEU B 13 15.68 -13.76 -23.34
N VAL B 14 15.07 -13.16 -22.30
CA VAL B 14 14.71 -11.75 -22.41
C VAL B 14 15.97 -10.94 -22.14
N VAL B 15 16.21 -9.93 -22.97
CA VAL B 15 17.31 -9.00 -22.78
C VAL B 15 16.66 -7.71 -22.30
N THR B 16 16.86 -7.41 -21.01
CA THR B 16 16.32 -6.21 -20.40
C THR B 16 17.47 -5.32 -19.97
N GLY B 17 17.16 -4.06 -19.66
CA GLY B 17 18.17 -3.11 -19.26
C GLY B 17 17.75 -2.44 -17.97
N THR B 18 18.72 -1.85 -17.29
CA THR B 18 18.39 -1.11 -16.07
C THR B 18 17.71 0.22 -16.38
N GLY B 19 17.75 0.67 -17.64
CA GLY B 19 17.13 1.92 -18.02
C GLY B 19 17.14 2.09 -19.52
N THR B 20 16.76 3.28 -19.97
CA THR B 20 16.77 3.59 -21.39
C THR B 20 18.19 3.90 -21.85
N GLY B 21 18.48 3.51 -23.10
CA GLY B 21 19.75 3.87 -23.70
C GLY B 21 20.96 3.30 -23.00
N VAL B 22 20.82 2.10 -22.40
CA VAL B 22 21.95 1.41 -21.80
C VAL B 22 22.64 0.48 -22.79
N GLY B 23 22.10 0.36 -23.99
CA GLY B 23 22.69 -0.50 -25.01
C GLY B 23 22.06 -1.87 -25.18
N LYS B 24 20.80 -2.06 -24.78
CA LYS B 24 20.18 -3.39 -24.91
C LYS B 24 20.28 -3.90 -26.33
N THR B 25 20.03 -3.01 -27.31
CA THR B 25 19.93 -3.44 -28.69
C THR B 25 21.29 -3.88 -29.22
N VAL B 26 22.35 -3.17 -28.84
CA VAL B 26 23.69 -3.55 -29.27
C VAL B 26 24.08 -4.87 -28.63
N VAL B 27 23.57 -5.15 -27.43
CA VAL B 27 23.85 -6.40 -26.74
C VAL B 27 23.14 -7.56 -27.43
N CYS B 28 21.85 -7.39 -27.76
CA CYS B 28 21.13 -8.43 -28.52
C CYS B 28 21.89 -8.80 -29.77
N ALA B 29 22.27 -7.79 -30.57
CA ALA B 29 23.03 -8.04 -31.79
C ALA B 29 24.36 -8.72 -31.48
N ALA B 30 25.04 -8.32 -30.41
CA ALA B 30 26.38 -8.84 -30.12
C ALA B 30 26.32 -10.30 -29.68
N LEU B 31 25.40 -10.62 -28.77
CA LEU B 31 25.18 -12.00 -28.39
C LEU B 31 24.62 -12.81 -29.56
N ALA B 32 23.71 -12.23 -30.35
CA ALA B 32 23.27 -12.89 -31.58
C ALA B 32 24.45 -13.23 -32.45
N SER B 33 25.33 -12.26 -32.67
CA SER B 33 26.49 -12.49 -33.52
C SER B 33 27.43 -13.51 -32.91
N ALA B 34 27.60 -13.48 -31.59
CA ALA B 34 28.51 -14.43 -30.97
C ALA B 34 27.94 -15.84 -31.05
N ALA B 35 26.62 -15.98 -30.84
CA ALA B 35 25.98 -17.29 -30.95
C ALA B 35 26.01 -17.80 -32.39
N ARG B 36 25.75 -16.93 -33.38
CA ARG B 36 25.79 -17.37 -34.76
C ARG B 36 27.15 -17.95 -35.12
N GLN B 37 28.23 -17.29 -34.68
CA GLN B 37 29.57 -17.81 -34.97
C GLN B 37 29.89 -19.06 -34.16
N ALA B 38 29.12 -19.36 -33.13
CA ALA B 38 29.21 -20.64 -32.43
C ALA B 38 28.36 -21.72 -33.09
N GLY B 39 27.81 -21.47 -34.28
CA GLY B 39 26.92 -22.43 -34.91
C GLY B 39 25.54 -22.53 -34.30
N ILE B 40 25.13 -21.55 -33.52
CA ILE B 40 23.81 -21.54 -32.91
C ILE B 40 22.88 -20.72 -33.79
N ASP B 41 21.66 -21.23 -33.98
CA ASP B 41 20.63 -20.51 -34.72
C ASP B 41 19.97 -19.47 -33.83
N VAL B 42 19.93 -18.22 -34.27
CA VAL B 42 19.45 -17.11 -33.46
C VAL B 42 18.18 -16.52 -34.06
N ALA B 43 17.22 -16.21 -33.20
CA ALA B 43 16.06 -15.42 -33.54
C ALA B 43 15.92 -14.32 -32.50
N VAL B 44 15.56 -13.12 -32.94
CA VAL B 44 15.35 -11.99 -32.05
C VAL B 44 13.93 -11.46 -32.24
N CYS B 45 13.26 -11.18 -31.12
CA CYS B 45 11.89 -10.68 -31.11
C CYS B 45 11.84 -9.35 -30.37
N LYS B 46 11.38 -8.31 -31.05
CA LYS B 46 11.10 -7.00 -30.46
C LYS B 46 9.60 -6.77 -30.63
N PRO B 47 8.80 -7.19 -29.65
CA PRO B 47 7.34 -7.12 -29.82
C PRO B 47 6.85 -5.71 -30.08
N VAL B 48 7.27 -4.76 -29.26
CA VAL B 48 6.84 -3.37 -29.38
C VAL B 48 8.05 -2.48 -29.66
N GLN B 49 7.96 -1.70 -30.74
CA GLN B 49 8.98 -0.74 -31.15
C GLN B 49 8.38 0.67 -31.11
N THR B 50 9.09 1.62 -30.51
CA THR B 50 8.64 3.02 -30.46
C THR B 50 9.59 3.89 -31.27
N GLY B 51 9.27 5.17 -31.36
CA GLY B 51 10.11 6.13 -32.09
C GLY B 51 10.30 5.84 -33.57
N THR B 52 9.28 5.33 -34.26
CA THR B 52 9.48 5.04 -35.67
C THR B 52 9.50 6.31 -36.52
N ALA B 53 8.89 7.40 -36.05
CA ALA B 53 8.91 8.65 -36.80
C ALA B 53 10.34 9.14 -37.07
N ARG B 54 11.23 9.03 -36.08
CA ARG B 54 12.63 9.41 -36.26
C ARG B 54 13.49 8.26 -36.75
N GLY B 55 12.90 7.10 -37.03
CA GLY B 55 13.61 6.02 -37.63
C GLY B 55 14.12 4.94 -36.70
N ASP B 56 13.66 4.89 -35.46
CA ASP B 56 14.08 3.82 -34.56
C ASP B 56 13.61 2.47 -35.08
N ASP B 57 14.49 1.47 -35.00
CA ASP B 57 14.18 0.13 -35.49
C ASP B 57 15.26 -0.82 -35.01
N ASP B 58 15.03 -1.42 -33.85
CA ASP B 58 16.06 -2.22 -33.22
C ASP B 58 16.29 -3.53 -33.94
N LEU B 59 15.24 -4.10 -34.54
CA LEU B 59 15.41 -5.34 -35.29
C LEU B 59 16.31 -5.12 -36.50
N ALA B 60 16.16 -3.99 -37.19
CA ALA B 60 17.03 -3.74 -38.36
C ALA B 60 18.49 -3.54 -37.94
N GLU B 61 18.73 -3.00 -36.75
CA GLU B 61 20.10 -2.95 -36.20
C GLU B 61 20.66 -4.35 -36.01
N VAL B 62 19.88 -5.25 -35.38
CA VAL B 62 20.36 -6.62 -35.16
C VAL B 62 20.61 -7.31 -36.49
N GLY B 63 19.74 -7.09 -37.48
CA GLY B 63 19.95 -7.68 -38.80
C GLY B 63 21.21 -7.17 -39.46
N ARG B 64 21.48 -5.86 -39.37
CA ARG B 64 22.66 -5.31 -40.03
C ARG B 64 23.92 -5.70 -39.29
N LEU B 65 23.92 -5.56 -37.96
CA LEU B 65 25.13 -5.80 -37.18
C LEU B 65 25.46 -7.29 -37.09
N ALA B 66 24.45 -8.15 -36.90
CA ALA B 66 24.68 -9.55 -36.64
C ALA B 66 24.18 -10.49 -37.73
N GLY B 67 23.35 -10.02 -38.65
CA GLY B 67 22.92 -10.89 -39.74
C GLY B 67 21.81 -11.86 -39.40
N VAL B 68 21.17 -11.71 -38.22
CA VAL B 68 19.96 -12.48 -37.95
C VAL B 68 18.93 -12.16 -39.02
N THR B 69 18.24 -13.20 -39.51
CA THR B 69 17.10 -12.98 -40.39
C THR B 69 15.75 -13.21 -39.71
N GLN B 70 15.70 -14.09 -38.71
CA GLN B 70 14.45 -14.33 -37.99
C GLN B 70 14.28 -13.19 -36.97
N LEU B 71 13.51 -12.19 -37.39
CA LEU B 71 13.40 -10.89 -36.73
C LEU B 71 11.92 -10.58 -36.70
N ALA B 72 11.31 -10.69 -35.52
CA ALA B 72 9.86 -10.73 -35.37
C ALA B 72 9.38 -9.59 -34.50
N GLY B 73 8.25 -9.00 -34.88
CA GLY B 73 7.69 -7.86 -34.17
C GLY B 73 6.20 -7.72 -34.42
N LEU B 74 5.53 -7.08 -33.47
CA LEU B 74 4.08 -6.99 -33.50
C LEU B 74 3.53 -5.58 -33.63
N ALA B 75 4.23 -4.57 -33.10
CA ALA B 75 3.69 -3.22 -33.08
C ALA B 75 4.83 -2.23 -33.25
N ARG B 76 4.50 -1.09 -33.85
CA ARG B 76 5.46 -0.02 -34.11
C ARG B 76 4.75 1.31 -33.89
N TYR B 77 5.23 2.11 -32.94
CA TYR B 77 4.54 3.37 -32.74
C TYR B 77 5.45 4.55 -33.07
N PRO B 78 4.91 5.60 -33.70
CA PRO B 78 5.75 6.72 -34.17
C PRO B 78 6.48 7.50 -33.09
N GLN B 79 5.84 7.78 -31.97
CA GLN B 79 6.41 8.72 -31.02
C GLN B 79 7.50 8.07 -30.19
N PRO B 80 8.60 8.80 -29.90
CA PRO B 80 9.65 8.30 -28.99
C PRO B 80 9.25 8.44 -27.52
N MET B 81 8.28 7.63 -27.11
CA MET B 81 7.80 7.59 -25.74
C MET B 81 7.85 6.15 -25.25
N ALA B 82 7.51 5.94 -23.97
CA ALA B 82 7.27 4.58 -23.51
C ALA B 82 6.06 4.00 -24.26
N PRO B 83 6.06 2.66 -24.53
CA PRO B 83 5.01 2.05 -25.35
C PRO B 83 3.59 2.53 -25.06
N ALA B 84 3.22 2.54 -23.78
CA ALA B 84 1.84 2.89 -23.41
C ALA B 84 1.52 4.33 -23.80
N ALA B 85 2.48 5.24 -23.63
CA ALA B 85 2.23 6.63 -24.01
C ALA B 85 2.21 6.80 -25.52
N ALA B 86 3.14 6.14 -26.22
CA ALA B 86 3.19 6.21 -27.68
C ALA B 86 1.90 5.67 -28.29
N ALA B 87 1.30 4.66 -27.66
CA ALA B 87 0.07 4.10 -28.17
C ALA B 87 -1.09 5.06 -27.95
N GLU B 88 -1.21 5.62 -26.72
CA GLU B 88 -2.25 6.60 -26.45
C GLU B 88 -2.11 7.83 -27.34
N HIS B 89 -0.88 8.26 -27.62
CA HIS B 89 -0.67 9.36 -28.56
C HIS B 89 -1.24 9.03 -29.94
N ALA B 90 -1.00 7.80 -30.42
CA ALA B 90 -1.49 7.38 -31.72
C ALA B 90 -2.98 7.05 -31.72
N GLY B 91 -3.63 7.01 -30.56
CA GLY B 91 -5.02 6.63 -30.48
C GLY B 91 -5.29 5.14 -30.60
N MET B 92 -4.28 4.31 -30.40
CA MET B 92 -4.43 2.87 -30.52
C MET B 92 -3.90 2.18 -29.28
N ALA B 93 -4.19 0.89 -29.16
CA ALA B 93 -3.83 0.13 -27.97
C ALA B 93 -2.51 -0.60 -28.17
N LEU B 94 -1.91 -1.02 -27.05
CA LEU B 94 -0.82 -1.97 -27.08
C LEU B 94 -1.34 -3.32 -27.55
N PRO B 95 -0.44 -4.18 -28.07
CA PRO B 95 -0.85 -5.54 -28.41
C PRO B 95 -1.20 -6.33 -27.16
N ALA B 96 -1.90 -7.44 -27.35
CA ALA B 96 -2.36 -8.24 -26.23
C ALA B 96 -1.25 -9.15 -25.73
N ARG B 97 -1.37 -9.54 -24.44
CA ARG B 97 -0.39 -10.43 -23.81
C ARG B 97 -0.23 -11.74 -24.57
N ASP B 98 -1.33 -12.36 -24.98
CA ASP B 98 -1.26 -13.62 -25.68
C ASP B 98 -0.47 -13.50 -26.99
N GLN B 99 -0.64 -12.40 -27.71
CA GLN B 99 0.12 -12.19 -28.94
C GLN B 99 1.63 -12.30 -28.68
N ILE B 100 2.13 -11.60 -27.67
CA ILE B 100 3.57 -11.56 -27.53
C ILE B 100 4.09 -12.88 -26.99
N VAL B 101 3.39 -13.46 -26.01
CA VAL B 101 3.84 -14.72 -25.45
C VAL B 101 3.83 -15.82 -26.50
N ARG B 102 2.80 -15.85 -27.35
CA ARG B 102 2.68 -16.90 -28.35
C ARG B 102 3.65 -16.69 -29.51
N LEU B 103 3.86 -15.43 -29.91
CA LEU B 103 4.89 -15.11 -30.90
C LEU B 103 6.24 -15.67 -30.47
N ILE B 104 6.57 -15.51 -29.18
CA ILE B 104 7.86 -15.95 -28.66
C ILE B 104 7.91 -17.47 -28.57
N ALA B 105 6.86 -18.09 -28.00
CA ALA B 105 6.83 -19.55 -27.96
C ALA B 105 6.94 -20.15 -29.36
N ASP B 106 6.33 -19.50 -30.37
CA ASP B 106 6.41 -20.02 -31.73
C ASP B 106 7.80 -19.82 -32.35
N LEU B 107 8.50 -18.73 -31.99
CA LEU B 107 9.90 -18.60 -32.40
C LEU B 107 10.75 -19.72 -31.83
N ASP B 108 10.43 -20.14 -30.60
CA ASP B 108 11.27 -21.08 -29.86
C ASP B 108 11.33 -22.43 -30.54
N ARG B 109 12.54 -22.94 -30.74
CA ARG B 109 12.68 -24.27 -31.30
C ARG B 109 13.99 -24.88 -30.80
N PRO B 110 14.10 -26.20 -30.77
CA PRO B 110 15.32 -26.83 -30.27
C PRO B 110 16.54 -26.37 -31.07
N GLY B 111 17.65 -26.22 -30.37
CA GLY B 111 18.88 -25.77 -31.02
C GLY B 111 18.96 -24.29 -31.35
N ARG B 112 17.91 -23.53 -31.05
CA ARG B 112 17.86 -22.11 -31.39
C ARG B 112 17.95 -21.26 -30.14
N LEU B 113 18.69 -20.16 -30.25
CA LEU B 113 18.71 -19.12 -29.22
C LEU B 113 17.75 -18.01 -29.63
N THR B 114 16.72 -17.79 -28.82
CA THR B 114 15.72 -16.75 -29.06
C THR B 114 15.90 -15.63 -28.04
N LEU B 115 16.26 -14.45 -28.52
CA LEU B 115 16.38 -13.26 -27.68
C LEU B 115 15.13 -12.39 -27.84
N VAL B 116 14.57 -11.98 -26.71
CA VAL B 116 13.42 -11.09 -26.65
C VAL B 116 13.90 -9.76 -26.10
N GLU B 117 13.89 -8.72 -26.93
CA GLU B 117 14.24 -7.39 -26.46
C GLU B 117 12.98 -6.64 -26.04
N GLY B 118 13.01 -6.05 -24.86
CA GLY B 118 11.91 -5.25 -24.38
C GLY B 118 12.02 -3.84 -24.88
N ALA B 119 11.32 -2.94 -24.19
CA ALA B 119 11.34 -1.51 -24.46
C ALA B 119 11.74 -0.82 -23.16
N GLY B 120 12.92 -0.21 -23.14
CA GLY B 120 13.41 0.35 -21.88
C GLY B 120 13.62 -0.74 -20.83
N GLY B 121 13.10 -0.49 -19.62
CA GLY B 121 13.42 -1.32 -18.48
C GLY B 121 12.42 -2.45 -18.24
N LEU B 122 12.76 -3.27 -17.23
CA LEU B 122 12.06 -4.52 -16.98
C LEU B 122 10.56 -4.30 -16.74
N LEU B 123 10.18 -3.20 -16.09
CA LEU B 123 8.80 -3.03 -15.65
C LEU B 123 8.00 -2.03 -16.48
N VAL B 124 8.44 -1.68 -17.71
CA VAL B 124 7.61 -0.79 -18.50
C VAL B 124 6.46 -1.59 -19.11
N GLU B 125 5.32 -0.92 -19.28
CA GLU B 125 4.16 -1.60 -19.84
C GLU B 125 4.44 -1.97 -21.30
N LEU B 126 4.31 -3.24 -21.61
CA LEU B 126 4.57 -3.78 -22.94
C LEU B 126 3.30 -4.24 -23.66
N ALA B 127 2.32 -4.77 -22.93
CA ALA B 127 1.08 -5.25 -23.50
C ALA B 127 -0.08 -4.85 -22.59
N GLU B 128 -1.28 -4.78 -23.17
N GLU B 128 -1.28 -4.85 -23.17
CA GLU B 128 -2.40 -4.42 -22.32
CA GLU B 128 -2.50 -4.54 -22.42
C GLU B 128 -2.95 -5.66 -21.61
C GLU B 128 -2.94 -5.76 -21.60
N PRO B 129 -3.35 -5.55 -20.34
CA PRO B 129 -3.25 -4.33 -19.54
C PRO B 129 -2.13 -4.41 -18.49
N GLY B 130 -1.16 -3.52 -18.60
CA GLY B 130 -0.08 -3.44 -17.64
C GLY B 130 0.82 -4.66 -17.57
N VAL B 131 0.93 -5.44 -18.65
CA VAL B 131 1.85 -6.58 -18.61
C VAL B 131 3.22 -6.15 -19.13
N THR B 132 4.24 -6.65 -18.44
CA THR B 132 5.62 -6.23 -18.59
C THR B 132 6.45 -7.33 -19.22
N LEU B 133 7.68 -6.98 -19.58
CA LEU B 133 8.63 -7.99 -20.01
C LEU B 133 8.84 -9.06 -18.94
N ARG B 134 8.68 -8.70 -17.65
CA ARG B 134 8.83 -9.69 -16.58
C ARG B 134 7.71 -10.72 -16.65
N ASP B 135 6.46 -10.26 -16.77
CA ASP B 135 5.32 -11.15 -16.99
C ASP B 135 5.55 -12.05 -18.20
N VAL B 136 6.04 -11.46 -19.30
CA VAL B 136 6.27 -12.25 -20.51
C VAL B 136 7.33 -13.31 -20.25
N ALA B 137 8.40 -12.93 -19.54
CA ALA B 137 9.46 -13.89 -19.22
C ALA B 137 8.93 -15.03 -18.35
N VAL B 138 8.08 -14.70 -17.38
CA VAL B 138 7.46 -15.73 -16.56
C VAL B 138 6.67 -16.70 -17.45
N ASP B 139 5.92 -16.16 -18.42
CA ASP B 139 5.00 -17.00 -19.19
C ASP B 139 5.75 -17.95 -20.12
N VAL B 140 6.84 -17.50 -20.73
CA VAL B 140 7.61 -18.36 -21.64
C VAL B 140 8.72 -19.10 -20.92
N ALA B 141 8.81 -18.99 -19.59
CA ALA B 141 9.88 -19.60 -18.81
C ALA B 141 11.26 -19.22 -19.36
N ALA B 142 11.49 -17.92 -19.54
CA ALA B 142 12.77 -17.42 -20.02
C ALA B 142 13.63 -16.97 -18.85
N ALA B 143 14.94 -17.04 -19.06
CA ALA B 143 15.87 -16.36 -18.18
C ALA B 143 16.11 -14.94 -18.70
N ALA B 144 16.74 -14.12 -17.89
CA ALA B 144 16.93 -12.71 -18.19
C ALA B 144 18.42 -12.34 -18.21
N LEU B 145 18.83 -11.69 -19.27
CA LEU B 145 20.12 -11.04 -19.38
C LEU B 145 19.91 -9.56 -19.14
N VAL B 146 20.66 -8.97 -18.21
CA VAL B 146 20.42 -7.61 -17.76
C VAL B 146 21.54 -6.69 -18.25
N VAL B 147 21.17 -5.68 -19.05
CA VAL B 147 22.14 -4.74 -19.64
C VAL B 147 22.27 -3.54 -18.72
N VAL B 148 23.49 -3.27 -18.27
CA VAL B 148 23.77 -2.22 -17.29
C VAL B 148 24.75 -1.22 -17.88
N THR B 149 24.81 -0.03 -17.26
CA THR B 149 25.90 0.89 -17.49
C THR B 149 27.04 0.58 -16.53
N ALA B 150 28.18 1.20 -16.80
CA ALA B 150 29.28 1.18 -15.85
C ALA B 150 29.41 2.50 -15.12
N ASP B 151 28.42 3.38 -15.23
CA ASP B 151 28.48 4.73 -14.68
C ASP B 151 27.86 4.80 -13.28
N LEU B 152 27.97 5.99 -12.69
CA LEU B 152 27.45 6.21 -11.34
C LEU B 152 25.95 5.90 -11.30
N GLY B 153 25.53 5.22 -10.22
CA GLY B 153 24.16 4.79 -10.06
C GLY B 153 23.84 3.40 -10.57
N THR B 154 24.76 2.74 -11.29
CA THR B 154 24.43 1.46 -11.89
C THR B 154 24.25 0.36 -10.84
N LEU B 155 24.96 0.43 -9.73
CA LEU B 155 24.86 -0.63 -8.73
C LEU B 155 23.47 -0.68 -8.15
N ASN B 156 22.89 0.48 -7.90
CA ASN B 156 21.53 0.56 -7.37
C ASN B 156 20.51 0.04 -8.37
N HIS B 157 20.59 0.50 -9.61
CA HIS B 157 19.65 0.09 -10.65
C HIS B 157 19.76 -1.39 -10.95
N THR B 158 20.99 -1.92 -11.00
CA THR B 158 21.20 -3.35 -11.21
C THR B 158 20.56 -4.15 -10.08
N LYS B 159 20.89 -3.81 -8.83
CA LYS B 159 20.33 -4.53 -7.69
C LYS B 159 18.80 -4.49 -7.72
N LEU B 160 18.22 -3.35 -8.14
CA LEU B 160 16.76 -3.20 -8.18
C LEU B 160 16.14 -4.10 -9.23
N THR B 161 16.72 -4.09 -10.44
CA THR B 161 16.25 -5.00 -11.49
C THR B 161 16.40 -6.45 -11.06
N LEU B 162 17.54 -6.79 -10.42
CA LEU B 162 17.80 -8.18 -10.04
C LEU B 162 16.82 -8.64 -8.98
N GLU B 163 16.47 -7.76 -8.04
CA GLU B 163 15.49 -8.10 -7.03
C GLU B 163 14.11 -8.30 -7.64
N ALA B 164 13.77 -7.50 -8.65
CA ALA B 164 12.46 -7.62 -9.31
C ALA B 164 12.37 -8.90 -10.10
N LEU B 165 13.47 -9.30 -10.76
CA LEU B 165 13.51 -10.57 -11.46
C LEU B 165 13.26 -11.72 -10.50
N ALA B 166 14.04 -11.76 -9.41
CA ALA B 166 14.00 -12.88 -8.49
C ALA B 166 12.66 -12.99 -7.79
N ALA B 167 11.97 -11.85 -7.62
CA ALA B 167 10.67 -11.86 -6.95
C ALA B 167 9.65 -12.68 -7.71
N GLN B 168 9.83 -12.82 -9.03
CA GLN B 168 8.94 -13.65 -9.84
C GLN B 168 9.67 -14.86 -10.41
N GLN B 169 10.78 -15.26 -9.79
CA GLN B 169 11.50 -16.48 -10.17
C GLN B 169 11.95 -16.45 -11.63
N VAL B 170 12.28 -15.27 -12.16
CA VAL B 170 12.90 -15.17 -13.47
C VAL B 170 14.42 -15.22 -13.24
N SER B 171 15.04 -16.33 -13.63
CA SER B 171 16.47 -16.54 -13.38
C SER B 171 17.30 -15.47 -14.09
N CYS B 172 18.42 -15.09 -13.48
CA CYS B 172 19.29 -14.08 -14.06
C CYS B 172 20.42 -14.77 -14.81
N ALA B 173 20.48 -14.56 -16.12
CA ALA B 173 21.50 -15.21 -16.94
C ALA B 173 22.82 -14.46 -16.93
N GLY B 174 22.86 -13.29 -16.30
CA GLY B 174 24.06 -12.51 -16.12
C GLY B 174 23.86 -11.05 -16.47
N LEU B 175 24.95 -10.31 -16.44
CA LEU B 175 24.96 -8.89 -16.78
C LEU B 175 25.77 -8.70 -18.06
N VAL B 176 25.42 -7.67 -18.82
CA VAL B 176 26.29 -7.14 -19.87
C VAL B 176 26.34 -5.64 -19.69
N ILE B 177 27.55 -5.08 -19.67
CA ILE B 177 27.73 -3.64 -19.68
C ILE B 177 27.55 -3.19 -21.12
N GLY B 178 26.46 -2.47 -21.39
CA GLY B 178 26.14 -2.11 -22.78
C GLY B 178 27.20 -1.28 -23.46
N SER B 179 27.82 -0.35 -22.73
CA SER B 179 28.80 0.59 -23.28
C SER B 179 29.95 0.74 -22.31
N TRP B 180 31.15 0.31 -22.71
CA TRP B 180 32.33 0.40 -21.86
C TRP B 180 33.18 1.57 -22.33
N PRO B 181 33.42 2.59 -21.52
CA PRO B 181 34.04 3.82 -22.01
C PRO B 181 35.54 3.66 -22.26
N ASP B 182 36.07 4.60 -23.04
CA ASP B 182 37.49 4.63 -23.34
C ASP B 182 38.01 6.06 -23.21
N PRO B 183 38.91 6.33 -22.26
CA PRO B 183 39.38 5.41 -21.20
C PRO B 183 38.31 5.24 -20.12
N PRO B 184 38.37 4.16 -19.34
CA PRO B 184 37.31 3.90 -18.35
C PRO B 184 37.00 5.06 -17.41
N GLY B 185 37.96 5.46 -16.60
CA GLY B 185 37.68 6.35 -15.48
C GLY B 185 37.56 5.58 -14.18
N LEU B 186 37.66 6.30 -13.07
CA LEU B 186 37.69 5.61 -11.79
C LEU B 186 36.35 4.94 -11.46
N VAL B 187 35.24 5.57 -11.86
CA VAL B 187 33.91 5.05 -11.55
C VAL B 187 33.63 3.77 -12.32
N ALA B 188 33.91 3.77 -13.63
CA ALA B 188 33.64 2.58 -14.44
C ALA B 188 34.46 1.39 -13.96
N ALA B 189 35.75 1.61 -13.70
CA ALA B 189 36.60 0.52 -13.24
C ALA B 189 36.09 -0.04 -11.90
N SER B 190 35.77 0.85 -10.97
CA SER B 190 35.22 0.42 -9.68
C SER B 190 33.90 -0.31 -9.88
N ASN B 191 33.01 0.24 -10.69
CA ASN B 191 31.69 -0.35 -10.86
C ASN B 191 31.78 -1.72 -11.51
N ARG B 192 32.67 -1.89 -12.50
CA ARG B 192 32.78 -3.19 -13.14
C ARG B 192 33.15 -4.28 -12.14
N SER B 193 34.12 -4.01 -11.27
CA SER B 193 34.45 -4.95 -10.20
C SER B 193 33.25 -5.17 -9.27
N ALA B 194 32.55 -4.09 -8.94
CA ALA B 194 31.41 -4.22 -8.04
C ALA B 194 30.25 -4.94 -8.70
N LEU B 195 30.07 -4.75 -10.00
CA LEU B 195 29.02 -5.48 -10.71
C LEU B 195 29.27 -6.97 -10.70
N ALA B 196 30.54 -7.36 -10.87
CA ALA B 196 30.88 -8.78 -10.89
C ALA B 196 30.67 -9.45 -9.55
N ARG B 197 30.59 -8.68 -8.46
CA ARG B 197 30.31 -9.27 -7.15
C ARG B 197 28.84 -9.59 -6.95
N ILE B 198 27.94 -9.03 -7.76
CA ILE B 198 26.52 -9.34 -7.65
C ILE B 198 26.00 -10.25 -8.76
N ALA B 199 26.74 -10.43 -9.84
CA ALA B 199 26.33 -11.38 -10.89
C ALA B 199 27.48 -11.52 -11.86
N MET B 200 27.38 -12.51 -12.73
CA MET B 200 28.38 -12.71 -13.75
C MET B 200 28.31 -11.58 -14.78
N VAL B 201 29.41 -10.86 -14.94
CA VAL B 201 29.57 -9.91 -16.04
C VAL B 201 29.94 -10.72 -17.28
N ARG B 202 29.00 -10.84 -18.22
CA ARG B 202 29.23 -11.75 -19.34
C ARG B 202 30.06 -11.07 -20.43
N ALA B 203 30.00 -9.75 -20.50
CA ALA B 203 30.72 -8.99 -21.53
C ALA B 203 30.61 -7.51 -21.16
N ALA B 204 31.53 -6.73 -21.73
CA ALA B 204 31.46 -5.27 -21.70
C ALA B 204 31.78 -4.80 -23.10
N LEU B 205 30.78 -4.29 -23.81
CA LEU B 205 30.96 -3.96 -25.21
C LEU B 205 31.58 -2.57 -25.33
N PRO B 206 32.64 -2.41 -26.12
CA PRO B 206 33.27 -1.10 -26.27
C PRO B 206 32.29 -0.03 -26.76
N ALA B 207 32.40 1.15 -26.15
CA ALA B 207 31.67 2.33 -26.59
C ALA B 207 31.82 2.55 -28.09
N GLY B 208 30.69 2.75 -28.76
CA GLY B 208 30.68 3.01 -30.19
C GLY B 208 30.61 1.80 -31.09
N ALA B 209 30.43 0.60 -30.53
CA ALA B 209 30.40 -0.61 -31.34
C ALA B 209 29.24 -0.60 -32.33
N ALA B 210 28.19 0.18 -32.06
CA ALA B 210 27.05 0.16 -32.97
C ALA B 210 27.33 0.88 -34.29
N SER B 211 28.41 1.64 -34.38
CA SER B 211 28.80 2.23 -35.64
C SER B 211 29.64 1.29 -36.50
N LEU B 212 30.07 0.14 -35.95
CA LEU B 212 30.92 -0.78 -36.70
C LEU B 212 30.19 -1.38 -37.89
N ASP B 213 30.94 -1.66 -38.96
CA ASP B 213 30.34 -2.44 -40.04
C ASP B 213 30.21 -3.89 -39.60
N ALA B 214 29.49 -4.67 -40.40
CA ALA B 214 29.08 -6.00 -39.97
C ALA B 214 30.29 -6.89 -39.64
N GLY B 215 31.36 -6.79 -40.42
CA GLY B 215 32.53 -7.62 -40.17
C GLY B 215 33.25 -7.23 -38.89
N ASP B 216 33.45 -5.92 -38.68
CA ASP B 216 34.09 -5.48 -37.44
C ASP B 216 33.22 -5.82 -36.23
N PHE B 217 31.90 -5.71 -36.38
CA PHE B 217 31.00 -6.00 -35.26
C PHE B 217 31.04 -7.48 -34.89
N ALA B 218 31.15 -8.35 -35.90
CA ALA B 218 31.26 -9.77 -35.61
C ALA B 218 32.57 -10.07 -34.89
N ALA B 219 33.66 -9.40 -35.28
CA ALA B 219 34.93 -9.62 -34.61
C ALA B 219 34.85 -9.20 -33.16
N MET B 220 34.35 -7.98 -32.93
CA MET B 220 34.19 -7.48 -31.57
C MET B 220 33.34 -8.46 -30.75
N SER B 221 32.21 -8.91 -31.32
CA SER B 221 31.26 -9.73 -30.59
C SER B 221 31.87 -11.07 -30.21
N ALA B 222 32.60 -11.70 -31.13
CA ALA B 222 33.21 -13.00 -30.85
C ALA B 222 34.21 -12.89 -29.70
N ALA B 223 34.96 -11.80 -29.65
CA ALA B 223 35.91 -11.57 -28.57
C ALA B 223 35.23 -11.14 -27.27
N ALA B 224 34.02 -10.63 -27.34
CA ALA B 224 33.44 -9.94 -26.18
C ALA B 224 32.84 -10.90 -25.16
N PHE B 225 32.37 -12.06 -25.60
CA PHE B 225 31.79 -13.05 -24.71
C PHE B 225 32.74 -14.22 -24.56
N ASP B 226 32.48 -15.05 -23.56
CA ASP B 226 33.23 -16.28 -23.37
C ASP B 226 32.68 -17.36 -24.31
N ARG B 227 33.58 -18.02 -25.04
CA ARG B 227 33.17 -19.01 -26.04
C ARG B 227 32.36 -20.14 -25.42
N ASN B 228 32.80 -20.67 -24.27
CA ASN B 228 32.09 -21.78 -23.63
C ASN B 228 30.71 -21.38 -23.16
N TRP B 229 30.56 -20.15 -22.63
CA TRP B 229 29.26 -19.74 -22.11
C TRP B 229 28.23 -19.59 -23.20
N VAL B 230 28.60 -18.99 -24.33
CA VAL B 230 27.66 -18.83 -25.42
C VAL B 230 27.22 -20.19 -25.94
N ALA B 231 28.19 -21.06 -26.28
CA ALA B 231 27.89 -22.41 -26.73
C ALA B 231 27.02 -23.15 -25.72
N GLY B 232 27.22 -22.91 -24.43
CA GLY B 232 26.44 -23.55 -23.39
C GLY B 232 25.03 -23.04 -23.22
N LEU B 233 24.65 -21.98 -23.95
CA LEU B 233 23.30 -21.44 -23.75
C LEU B 233 22.23 -22.33 -24.38
N VAL B 234 22.57 -23.08 -25.42
CA VAL B 234 21.58 -23.88 -26.13
C VAL B 234 21.72 -25.39 -25.86
N HIS C 8 -13.40 18.45 -14.46
CA HIS C 8 -12.30 17.72 -15.10
C HIS C 8 -12.76 16.37 -15.64
N GLY C 9 -13.98 16.00 -15.30
CA GLY C 9 -14.62 14.75 -15.67
C GLY C 9 -16.06 14.75 -15.18
N GLY C 10 -16.58 13.57 -14.83
CA GLY C 10 -17.91 13.49 -14.24
C GLY C 10 -17.82 13.34 -12.73
N THR C 11 -18.75 12.60 -12.13
CA THR C 11 -18.75 12.32 -10.70
C THR C 11 -18.40 10.85 -10.49
N ILE C 12 -17.35 10.62 -9.68
CA ILE C 12 -16.98 9.28 -9.25
C ILE C 12 -17.34 9.15 -7.78
N LEU C 13 -17.84 7.98 -7.42
CA LEU C 13 -18.38 7.75 -6.08
C LEU C 13 -18.05 6.32 -5.72
N VAL C 14 -17.16 6.11 -4.74
CA VAL C 14 -16.95 4.74 -4.29
C VAL C 14 -18.09 4.40 -3.35
N VAL C 15 -18.54 3.15 -3.41
CA VAL C 15 -19.62 2.66 -2.56
C VAL C 15 -19.00 1.60 -1.68
N THR C 16 -18.92 1.88 -0.39
CA THR C 16 -18.25 0.99 0.53
C THR C 16 -19.23 0.57 1.63
N GLY C 17 -18.88 -0.50 2.33
CA GLY C 17 -19.77 -0.98 3.36
C GLY C 17 -19.07 -1.06 4.69
N THR C 18 -19.85 -1.11 5.76
CA THR C 18 -19.26 -1.44 7.05
C THR C 18 -18.87 -2.91 7.13
N GLY C 19 -19.36 -3.74 6.23
CA GLY C 19 -18.95 -5.13 6.23
C GLY C 19 -19.38 -5.82 4.96
N THR C 20 -19.33 -7.14 5.00
CA THR C 20 -19.81 -7.96 3.90
C THR C 20 -21.31 -8.17 4.05
N GLY C 21 -21.99 -8.31 2.90
CA GLY C 21 -23.41 -8.61 2.91
C GLY C 21 -24.27 -7.54 3.54
N VAL C 22 -23.87 -6.26 3.45
CA VAL C 22 -24.69 -5.17 3.98
C VAL C 22 -25.61 -4.55 2.94
N GLY C 23 -25.44 -4.89 1.66
CA GLY C 23 -26.29 -4.37 0.61
C GLY C 23 -25.59 -3.50 -0.43
N LYS C 24 -24.24 -3.53 -0.45
CA LYS C 24 -23.48 -2.70 -1.39
C LYS C 24 -23.99 -2.87 -2.81
N THR C 25 -24.06 -4.13 -3.28
CA THR C 25 -24.46 -4.39 -4.66
C THR C 25 -25.87 -3.89 -4.92
N VAL C 26 -26.81 -4.17 -4.02
CA VAL C 26 -28.18 -3.71 -4.19
C VAL C 26 -28.23 -2.19 -4.19
N VAL C 27 -27.38 -1.56 -3.36
CA VAL C 27 -27.29 -0.10 -3.32
C VAL C 27 -26.76 0.43 -4.65
N CYS C 28 -25.70 -0.17 -5.19
CA CYS C 28 -25.20 0.24 -6.50
C CYS C 28 -26.30 0.12 -7.56
N ALA C 29 -27.04 -0.99 -7.56
CA ALA C 29 -28.17 -1.14 -8.49
C ALA C 29 -29.24 -0.08 -8.24
N ALA C 30 -29.55 0.19 -6.98
CA ALA C 30 -30.68 1.08 -6.68
C ALA C 30 -30.33 2.54 -7.00
N LEU C 31 -29.12 2.97 -6.65
CA LEU C 31 -28.71 4.33 -6.95
C LEU C 31 -28.58 4.54 -8.47
N ALA C 32 -28.01 3.57 -9.17
CA ALA C 32 -27.89 3.66 -10.63
C ALA C 32 -29.25 3.79 -11.28
N SER C 33 -30.24 3.02 -10.79
CA SER C 33 -31.60 3.15 -11.33
C SER C 33 -32.19 4.51 -11.01
N ALA C 34 -32.01 5.01 -9.79
CA ALA C 34 -32.55 6.32 -9.46
C ALA C 34 -31.87 7.41 -10.30
N ALA C 35 -30.61 7.20 -10.67
CA ALA C 35 -29.90 8.20 -11.45
C ALA C 35 -30.30 8.16 -12.92
N ARG C 36 -30.44 6.96 -13.50
CA ARG C 36 -30.99 6.84 -14.85
C ARG C 36 -32.31 7.58 -14.94
N GLN C 37 -33.22 7.27 -14.02
CA GLN C 37 -34.57 7.84 -14.09
C GLN C 37 -34.54 9.35 -13.96
N ALA C 38 -33.54 9.91 -13.27
CA ALA C 38 -33.35 11.35 -13.20
C ALA C 38 -32.49 11.89 -14.33
N GLY C 39 -32.32 11.12 -15.41
CA GLY C 39 -31.65 11.63 -16.59
C GLY C 39 -30.13 11.62 -16.55
N ILE C 40 -29.51 10.79 -15.71
CA ILE C 40 -28.06 10.77 -15.55
C ILE C 40 -27.49 9.48 -16.15
N ASP C 41 -26.42 9.61 -16.92
CA ASP C 41 -25.66 8.47 -17.43
C ASP C 41 -24.86 7.80 -16.30
N VAL C 42 -25.08 6.51 -16.07
CA VAL C 42 -24.44 5.76 -14.97
C VAL C 42 -23.52 4.70 -15.56
N ALA C 43 -22.35 4.54 -14.93
CA ALA C 43 -21.53 3.35 -15.09
C ALA C 43 -21.21 2.77 -13.72
N VAL C 44 -21.02 1.47 -13.67
CA VAL C 44 -20.75 0.77 -12.43
C VAL C 44 -19.51 -0.09 -12.61
N CYS C 45 -18.57 0.06 -11.69
CA CYS C 45 -17.28 -0.57 -11.77
C CYS C 45 -17.07 -1.44 -10.53
N LYS C 46 -16.50 -2.63 -10.72
CA LYS C 46 -16.18 -3.55 -9.63
C LYS C 46 -14.75 -4.02 -9.83
N PRO C 47 -13.76 -3.29 -9.30
CA PRO C 47 -12.35 -3.66 -9.58
C PRO C 47 -11.93 -5.02 -9.04
N VAL C 48 -12.42 -5.43 -7.87
CA VAL C 48 -12.05 -6.72 -7.29
C VAL C 48 -13.33 -7.47 -6.91
N GLN C 49 -13.52 -8.65 -7.51
CA GLN C 49 -14.67 -9.51 -7.30
C GLN C 49 -14.21 -10.86 -6.75
N THR C 50 -14.69 -11.21 -5.56
CA THR C 50 -14.39 -12.50 -4.97
C THR C 50 -15.61 -13.39 -5.05
N GLY C 51 -15.42 -14.66 -4.69
CA GLY C 51 -16.56 -15.54 -4.51
C GLY C 51 -17.27 -16.03 -5.76
N THR C 52 -16.56 -16.20 -6.88
CA THR C 52 -17.21 -16.76 -8.07
C THR C 52 -17.54 -18.24 -7.89
N ALA C 53 -16.80 -18.95 -7.04
CA ALA C 53 -17.11 -20.35 -6.75
C ALA C 53 -18.45 -20.50 -6.04
N ARG C 54 -18.91 -19.44 -5.38
CA ARG C 54 -20.23 -19.37 -4.76
C ARG C 54 -21.29 -18.89 -5.74
N GLY C 55 -20.87 -18.38 -6.91
CA GLY C 55 -21.78 -17.82 -7.89
C GLY C 55 -21.81 -16.30 -7.94
N ASP C 56 -21.02 -15.62 -7.10
CA ASP C 56 -21.05 -14.15 -7.04
C ASP C 56 -20.60 -13.52 -8.35
N ASP C 57 -21.44 -12.62 -8.88
CA ASP C 57 -21.00 -11.61 -9.85
C ASP C 57 -21.81 -10.34 -9.57
N ASP C 58 -21.18 -9.39 -8.88
CA ASP C 58 -21.90 -8.18 -8.47
C ASP C 58 -22.26 -7.28 -9.66
N LEU C 59 -21.42 -7.27 -10.70
CA LEU C 59 -21.75 -6.49 -11.89
C LEU C 59 -22.96 -7.07 -12.61
N ALA C 60 -22.98 -8.40 -12.78
CA ALA C 60 -24.13 -9.04 -13.41
C ALA C 60 -25.40 -8.81 -12.60
N GLU C 61 -25.28 -8.80 -11.27
CA GLU C 61 -26.48 -8.59 -10.44
C GLU C 61 -27.02 -7.17 -10.59
N VAL C 62 -26.12 -6.17 -10.62
CA VAL C 62 -26.52 -4.79 -10.91
C VAL C 62 -27.18 -4.71 -12.28
N GLY C 63 -26.57 -5.33 -13.29
CA GLY C 63 -27.19 -5.35 -14.61
C GLY C 63 -28.55 -6.00 -14.62
N ARG C 64 -28.69 -7.13 -13.92
CA ARG C 64 -29.98 -7.82 -13.84
C ARG C 64 -31.01 -6.96 -13.11
N LEU C 65 -30.64 -6.41 -11.95
CA LEU C 65 -31.58 -5.64 -11.15
C LEU C 65 -31.92 -4.31 -11.79
N ALA C 66 -30.92 -3.60 -12.30
CA ALA C 66 -31.07 -2.19 -12.65
C ALA C 66 -31.12 -1.91 -14.14
N GLY C 67 -30.68 -2.81 -14.99
CA GLY C 67 -30.61 -2.55 -16.41
C GLY C 67 -29.34 -1.89 -16.87
N VAL C 68 -28.35 -1.73 -15.99
CA VAL C 68 -27.08 -1.11 -16.37
C VAL C 68 -26.33 -2.02 -17.33
N THR C 69 -25.83 -1.45 -18.42
CA THR C 69 -24.96 -2.16 -19.35
C THR C 69 -23.55 -1.62 -19.36
N GLN C 70 -23.33 -0.44 -18.77
CA GLN C 70 -21.98 0.10 -18.63
C GLN C 70 -21.41 -0.41 -17.30
N LEU C 71 -20.91 -1.64 -17.35
CA LEU C 71 -20.35 -2.35 -16.22
C LEU C 71 -18.88 -2.62 -16.52
N ALA C 72 -18.03 -2.51 -15.50
CA ALA C 72 -16.60 -2.65 -15.73
C ALA C 72 -15.97 -3.43 -14.58
N GLY C 73 -15.42 -4.61 -14.88
CA GLY C 73 -14.70 -5.41 -13.92
C GLY C 73 -13.21 -5.49 -14.26
N LEU C 74 -12.48 -6.16 -13.37
CA LEU C 74 -11.04 -6.37 -13.54
C LEU C 74 -10.63 -7.72 -12.94
N ALA C 75 -10.36 -7.76 -11.64
CA ALA C 75 -9.89 -8.99 -11.00
C ALA C 75 -11.07 -9.82 -10.53
N ARG C 76 -10.96 -11.14 -10.71
CA ARG C 76 -12.01 -12.07 -10.30
C ARG C 76 -11.36 -13.27 -9.61
N TYR C 77 -11.86 -13.63 -8.43
CA TYR C 77 -11.32 -14.75 -7.67
C TYR C 77 -12.44 -15.67 -7.22
N PRO C 78 -12.16 -16.97 -7.11
CA PRO C 78 -13.22 -17.94 -6.78
C PRO C 78 -13.65 -17.96 -5.32
N GLN C 79 -12.79 -17.80 -4.43
CA GLN C 79 -13.31 -18.07 -3.11
C GLN C 79 -13.92 -16.81 -2.48
N PRO C 80 -14.99 -16.98 -1.66
CA PRO C 80 -15.54 -15.85 -0.86
C PRO C 80 -14.71 -15.59 0.39
N MET C 81 -13.55 -14.98 0.18
CA MET C 81 -12.61 -14.55 1.21
C MET C 81 -12.20 -13.12 0.88
N ALA C 82 -11.52 -12.48 1.80
CA ALA C 82 -10.95 -11.17 1.50
C ALA C 82 -10.09 -11.26 0.24
N PRO C 83 -10.08 -10.22 -0.61
CA PRO C 83 -9.33 -10.28 -1.88
C PRO C 83 -7.91 -10.85 -1.75
N ALA C 84 -7.13 -10.37 -0.78
CA ALA C 84 -5.77 -10.88 -0.65
C ALA C 84 -5.77 -12.39 -0.43
N ALA C 85 -6.67 -12.89 0.42
CA ALA C 85 -6.70 -14.32 0.71
C ALA C 85 -7.30 -15.12 -0.45
N ALA C 86 -8.31 -14.57 -1.12
CA ALA C 86 -8.89 -15.21 -2.30
C ALA C 86 -7.86 -15.32 -3.41
N ALA C 87 -7.10 -14.25 -3.66
CA ALA C 87 -6.03 -14.30 -4.66
C ALA C 87 -4.97 -15.34 -4.27
N GLU C 88 -4.57 -15.36 -2.99
CA GLU C 88 -3.59 -16.35 -2.54
C GLU C 88 -4.10 -17.76 -2.74
N HIS C 89 -5.36 -18.02 -2.36
CA HIS C 89 -5.94 -19.35 -2.51
C HIS C 89 -5.90 -19.82 -3.96
N ALA C 90 -6.12 -18.90 -4.91
CA ALA C 90 -6.15 -19.22 -6.33
C ALA C 90 -4.77 -19.22 -6.97
N GLY C 91 -3.71 -19.03 -6.19
CA GLY C 91 -2.39 -18.89 -6.78
C GLY C 91 -2.23 -17.71 -7.72
N MET C 92 -3.03 -16.65 -7.53
CA MET C 92 -2.99 -15.44 -8.35
C MET C 92 -2.56 -14.25 -7.49
N ALA C 93 -2.30 -13.14 -8.18
CA ALA C 93 -1.96 -11.89 -7.52
C ALA C 93 -3.13 -10.91 -7.57
N LEU C 94 -3.12 -9.96 -6.64
CA LEU C 94 -4.04 -8.84 -6.67
C LEU C 94 -3.75 -7.96 -7.89
N PRO C 95 -4.72 -7.17 -8.33
CA PRO C 95 -4.45 -6.22 -9.42
C PRO C 95 -3.48 -5.13 -8.99
N ALA C 96 -2.75 -4.60 -9.97
CA ALA C 96 -1.90 -3.44 -9.74
C ALA C 96 -2.76 -2.21 -9.46
N ARG C 97 -2.27 -1.37 -8.54
CA ARG C 97 -2.96 -0.14 -8.17
C ARG C 97 -3.33 0.71 -9.40
N ASP C 98 -2.37 0.91 -10.30
CA ASP C 98 -2.59 1.77 -11.46
C ASP C 98 -3.60 1.16 -12.43
N GLN C 99 -3.73 -0.16 -12.44
CA GLN C 99 -4.77 -0.79 -13.24
C GLN C 99 -6.15 -0.53 -12.64
N ILE C 100 -6.26 -0.59 -11.31
CA ILE C 100 -7.51 -0.23 -10.66
C ILE C 100 -7.87 1.22 -10.99
N VAL C 101 -6.88 2.12 -10.94
CA VAL C 101 -7.17 3.53 -11.19
C VAL C 101 -7.49 3.76 -12.66
N ARG C 102 -6.73 3.13 -13.57
CA ARG C 102 -7.06 3.15 -14.98
C ARG C 102 -8.51 2.74 -15.24
N LEU C 103 -8.96 1.69 -14.54
CA LEU C 103 -10.30 1.16 -14.78
C LEU C 103 -11.36 2.20 -14.47
N ILE C 104 -11.17 2.95 -13.39
CA ILE C 104 -12.15 3.96 -13.00
C ILE C 104 -12.04 5.18 -13.88
N ALA C 105 -10.81 5.61 -14.18
CA ALA C 105 -10.58 6.85 -14.91
C ALA C 105 -11.11 6.77 -16.34
N ASP C 106 -10.93 5.61 -17.00
CA ASP C 106 -11.45 5.47 -18.35
C ASP C 106 -12.98 5.56 -18.38
N LEU C 107 -13.66 5.10 -17.33
CA LEU C 107 -15.12 5.20 -17.31
C LEU C 107 -15.60 6.62 -17.08
N ASP C 108 -14.90 7.36 -16.23
CA ASP C 108 -15.32 8.70 -15.82
C ASP C 108 -15.37 9.66 -17.01
N ARG C 109 -16.45 10.44 -17.09
CA ARG C 109 -16.62 11.43 -18.17
C ARG C 109 -17.72 12.41 -17.76
N PRO C 110 -17.71 13.63 -18.31
CA PRO C 110 -18.73 14.61 -17.92
C PRO C 110 -20.13 14.08 -18.19
N GLY C 111 -21.07 14.44 -17.30
CA GLY C 111 -22.42 13.93 -17.34
C GLY C 111 -22.61 12.56 -16.73
N ARG C 112 -21.54 11.80 -16.53
CA ARG C 112 -21.65 10.42 -16.06
C ARG C 112 -21.46 10.32 -14.56
N LEU C 113 -22.27 9.46 -13.93
CA LEU C 113 -22.06 9.01 -12.57
C LEU C 113 -21.41 7.63 -12.60
N THR C 114 -20.19 7.53 -12.08
CA THR C 114 -19.45 6.28 -12.03
C THR C 114 -19.39 5.77 -10.59
N LEU C 115 -19.99 4.61 -10.36
CA LEU C 115 -20.03 3.98 -9.04
C LEU C 115 -18.95 2.91 -8.96
N VAL C 116 -18.12 2.97 -7.91
CA VAL C 116 -17.02 2.05 -7.73
C VAL C 116 -17.36 1.18 -6.53
N GLU C 117 -17.84 -0.04 -6.76
CA GLU C 117 -18.21 -0.90 -5.64
C GLU C 117 -16.96 -1.52 -5.02
N GLY C 118 -16.84 -1.44 -3.71
CA GLY C 118 -15.71 -2.02 -3.02
C GLY C 118 -15.79 -3.53 -2.87
N ALA C 119 -14.95 -4.04 -1.97
CA ALA C 119 -14.88 -5.46 -1.65
C ALA C 119 -14.81 -5.55 -0.14
N GLY C 120 -15.85 -6.07 0.49
CA GLY C 120 -15.87 -6.16 1.95
C GLY C 120 -16.04 -4.86 2.72
N GLY C 121 -14.95 -4.11 2.92
CA GLY C 121 -14.98 -2.93 3.75
C GLY C 121 -13.95 -1.90 3.30
N LEU C 122 -13.98 -0.73 3.96
CA LEU C 122 -13.23 0.42 3.46
C LEU C 122 -11.73 0.16 3.43
N LEU C 123 -11.18 -0.48 4.46
CA LEU C 123 -9.73 -0.65 4.55
C LEU C 123 -9.29 -2.02 4.11
N VAL C 124 -10.14 -2.74 3.37
CA VAL C 124 -9.75 -4.01 2.81
C VAL C 124 -8.73 -3.78 1.71
N GLU C 125 -7.66 -4.58 1.70
CA GLU C 125 -6.64 -4.43 0.67
C GLU C 125 -7.16 -4.86 -0.70
N LEU C 126 -7.03 -3.96 -1.69
CA LEU C 126 -7.38 -4.28 -3.06
C LEU C 126 -6.18 -4.49 -3.97
N ALA C 127 -5.05 -3.87 -3.64
CA ALA C 127 -3.82 -3.97 -4.41
C ALA C 127 -2.63 -3.92 -3.45
N GLU C 128 -1.51 -4.46 -3.90
CA GLU C 128 -0.34 -4.44 -3.05
C GLU C 128 0.37 -3.09 -3.17
N PRO C 129 0.90 -2.57 -2.04
CA PRO C 129 0.76 -3.16 -0.72
C PRO C 129 -0.26 -2.43 0.16
N GLY C 130 -1.27 -3.13 0.65
CA GLY C 130 -2.23 -2.49 1.53
C GLY C 130 -2.90 -1.28 0.91
N VAL C 131 -3.00 -1.25 -0.42
CA VAL C 131 -3.79 -0.23 -1.09
C VAL C 131 -5.28 -0.54 -0.89
N THR C 132 -6.02 0.46 -0.46
CA THR C 132 -7.41 0.32 -0.08
C THR C 132 -8.28 1.13 -1.03
N LEU C 133 -9.59 0.87 -0.95
CA LEU C 133 -10.55 1.73 -1.62
C LEU C 133 -10.43 3.17 -1.16
N ARG C 134 -10.05 3.41 0.10
CA ARG C 134 -9.85 4.77 0.56
C ARG C 134 -8.73 5.45 -0.24
N ASP C 135 -7.59 4.79 -0.38
CA ASP C 135 -6.51 5.28 -1.23
C ASP C 135 -7.01 5.50 -2.65
N VAL C 136 -7.72 4.52 -3.20
CA VAL C 136 -8.24 4.63 -4.57
C VAL C 136 -9.15 5.84 -4.68
N ALA C 137 -9.96 6.10 -3.64
CA ALA C 137 -10.88 7.23 -3.69
C ALA C 137 -10.15 8.56 -3.63
N VAL C 138 -9.06 8.65 -2.84
CA VAL C 138 -8.23 9.84 -2.89
C VAL C 138 -7.68 10.06 -4.30
N ASP C 139 -7.22 8.98 -4.94
CA ASP C 139 -6.54 9.12 -6.23
C ASP C 139 -7.45 9.67 -7.30
N VAL C 140 -8.73 9.27 -7.30
CA VAL C 140 -9.67 9.68 -8.32
C VAL C 140 -10.56 10.83 -7.85
N ALA C 141 -10.31 11.36 -6.64
CA ALA C 141 -11.10 12.46 -6.08
C ALA C 141 -12.57 12.10 -5.98
N ALA C 142 -12.85 10.88 -5.54
CA ALA C 142 -14.21 10.39 -5.34
C ALA C 142 -14.63 10.60 -3.89
N ALA C 143 -15.90 10.92 -3.70
CA ALA C 143 -16.52 10.80 -2.39
C ALA C 143 -16.89 9.34 -2.14
N ALA C 144 -17.29 9.04 -0.90
CA ALA C 144 -17.63 7.69 -0.48
C ALA C 144 -19.05 7.68 0.05
N LEU C 145 -19.88 6.82 -0.53
CA LEU C 145 -21.18 6.48 0.03
C LEU C 145 -21.01 5.21 0.84
N VAL C 146 -21.49 5.22 2.08
CA VAL C 146 -21.22 4.14 3.04
C VAL C 146 -22.51 3.37 3.31
N VAL C 147 -22.52 2.07 2.98
CA VAL C 147 -23.68 1.22 3.22
C VAL C 147 -23.57 0.60 4.61
N VAL C 148 -24.66 0.66 5.37
CA VAL C 148 -24.69 0.23 6.77
C VAL C 148 -25.88 -0.68 7.02
N THR C 149 -25.83 -1.40 8.14
CA THR C 149 -27.01 -2.06 8.66
C THR C 149 -27.70 -1.17 9.69
N ALA C 150 -28.90 -1.58 10.09
CA ALA C 150 -29.59 -0.98 11.22
C ALA C 150 -29.51 -1.85 12.47
N ASP C 151 -28.62 -2.85 12.47
CA ASP C 151 -28.54 -3.83 13.54
C ASP C 151 -27.42 -3.48 14.52
N LEU C 152 -27.47 -4.14 15.69
CA LEU C 152 -26.47 -3.96 16.74
C LEU C 152 -25.06 -3.86 16.17
N GLY C 153 -24.30 -2.88 16.66
CA GLY C 153 -22.94 -2.67 16.23
C GLY C 153 -22.77 -1.69 15.08
N THR C 154 -23.86 -1.25 14.45
CA THR C 154 -23.74 -0.40 13.28
C THR C 154 -23.22 0.98 13.64
N LEU C 155 -23.55 1.49 14.82
CA LEU C 155 -23.09 2.83 15.19
C LEU C 155 -21.58 2.85 15.35
N ASN C 156 -21.01 1.82 15.97
CA ASN C 156 -19.56 1.76 16.10
C ASN C 156 -18.89 1.61 14.74
N HIS C 157 -19.38 0.67 13.91
CA HIS C 157 -18.73 0.44 12.61
C HIS C 157 -18.87 1.65 11.70
N THR C 158 -20.01 2.33 11.76
CA THR C 158 -20.18 3.53 10.94
C THR C 158 -19.28 4.67 11.41
N LYS C 159 -19.25 4.93 12.73
CA LYS C 159 -18.34 5.93 13.27
C LYS C 159 -16.88 5.64 12.89
N LEU C 160 -16.46 4.39 13.03
CA LEU C 160 -15.10 4.01 12.64
C LEU C 160 -14.85 4.30 11.16
N THR C 161 -15.79 3.91 10.30
CA THR C 161 -15.65 4.19 8.86
C THR C 161 -15.62 5.69 8.59
N LEU C 162 -16.57 6.44 9.14
CA LEU C 162 -16.62 7.87 8.86
C LEU C 162 -15.35 8.56 9.33
N GLU C 163 -14.73 8.09 10.41
CA GLU C 163 -13.52 8.73 10.88
C GLU C 163 -12.33 8.42 9.97
N ALA C 164 -12.29 7.23 9.38
CA ALA C 164 -11.23 6.88 8.44
C ALA C 164 -11.37 7.64 7.13
N LEU C 165 -12.60 7.96 6.72
CA LEU C 165 -12.81 8.79 5.53
C LEU C 165 -12.27 10.20 5.76
N ALA C 166 -12.76 10.85 6.81
CA ALA C 166 -12.34 12.21 7.13
C ALA C 166 -10.83 12.32 7.32
N ALA C 167 -10.19 11.26 7.79
CA ALA C 167 -8.77 11.33 8.12
C ALA C 167 -7.92 11.58 6.87
N GLN C 168 -8.38 11.10 5.72
CA GLN C 168 -7.71 11.34 4.45
C GLN C 168 -8.53 12.28 3.56
N GLN C 169 -9.40 13.09 4.16
CA GLN C 169 -10.20 14.09 3.44
C GLN C 169 -10.94 13.47 2.24
N VAL C 170 -11.39 12.23 2.41
CA VAL C 170 -12.35 11.63 1.50
C VAL C 170 -13.74 12.00 2.01
N SER C 171 -14.44 12.84 1.27
CA SER C 171 -15.75 13.31 1.72
C SER C 171 -16.75 12.16 1.75
N CYS C 172 -17.67 12.22 2.71
CA CYS C 172 -18.71 11.20 2.84
C CYS C 172 -19.95 11.68 2.11
N ALA C 173 -20.34 10.95 1.06
CA ALA C 173 -21.56 11.32 0.34
C ALA C 173 -22.82 11.00 1.14
N GLY C 174 -22.71 10.31 2.27
CA GLY C 174 -23.86 9.94 3.08
C GLY C 174 -23.85 8.47 3.38
N LEU C 175 -24.88 8.05 4.13
CA LEU C 175 -25.09 6.65 4.47
C LEU C 175 -26.29 6.10 3.71
N VAL C 176 -26.27 4.80 3.47
CA VAL C 176 -27.44 4.06 3.02
C VAL C 176 -27.57 2.82 3.87
N ILE C 177 -28.74 2.64 4.48
CA ILE C 177 -29.07 1.38 5.14
C ILE C 177 -29.42 0.38 4.04
N GLY C 178 -28.53 -0.60 3.81
CA GLY C 178 -28.66 -1.45 2.63
C GLY C 178 -29.91 -2.31 2.61
N SER C 179 -30.36 -2.74 3.79
CA SER C 179 -31.54 -3.59 3.91
C SER C 179 -32.36 -3.12 5.10
N TRP C 180 -33.58 -2.66 4.84
CA TRP C 180 -34.44 -2.06 5.87
C TRP C 180 -35.59 -2.99 6.19
N PRO C 181 -35.68 -3.53 7.40
CA PRO C 181 -36.74 -4.50 7.71
C PRO C 181 -38.10 -3.84 7.87
N ASP C 182 -39.14 -4.65 7.66
CA ASP C 182 -40.52 -4.19 7.82
C ASP C 182 -41.28 -5.20 8.68
N PRO C 183 -41.82 -4.79 9.84
CA PRO C 183 -41.60 -3.43 10.34
C PRO C 183 -40.28 -3.33 11.10
N PRO C 184 -39.80 -2.12 11.35
CA PRO C 184 -38.54 -1.97 12.10
C PRO C 184 -38.73 -2.36 13.56
N GLY C 185 -37.88 -3.27 14.03
CA GLY C 185 -37.80 -3.57 15.45
C GLY C 185 -37.31 -2.36 16.22
N LEU C 186 -37.23 -2.53 17.54
CA LEU C 186 -36.79 -1.43 18.39
C LEU C 186 -35.35 -1.02 18.08
N VAL C 187 -34.45 -2.00 18.00
CA VAL C 187 -33.04 -1.72 17.70
C VAL C 187 -32.90 -1.01 16.35
N ALA C 188 -33.44 -1.62 15.29
CA ALA C 188 -33.42 -1.01 13.97
C ALA C 188 -34.02 0.40 13.98
N ALA C 189 -35.20 0.57 14.59
CA ALA C 189 -35.83 1.88 14.61
C ALA C 189 -34.94 2.91 15.28
N SER C 190 -34.30 2.52 16.39
CA SER C 190 -33.47 3.43 17.17
C SER C 190 -32.15 3.72 16.48
N ASN C 191 -31.55 2.70 15.85
CA ASN C 191 -30.30 2.89 15.12
C ASN C 191 -30.47 3.84 13.95
N ARG C 192 -31.62 3.77 13.27
CA ARG C 192 -31.84 4.68 12.15
C ARG C 192 -31.87 6.14 12.60
N SER C 193 -32.54 6.41 13.72
CA SER C 193 -32.48 7.75 14.30
C SER C 193 -31.06 8.11 14.71
N ALA C 194 -30.32 7.15 15.27
CA ALA C 194 -28.96 7.45 15.70
C ALA C 194 -28.03 7.70 14.52
N LEU C 195 -28.10 6.86 13.49
CA LEU C 195 -27.30 7.09 12.28
C LEU C 195 -27.58 8.46 11.68
N ALA C 196 -28.86 8.86 11.61
CA ALA C 196 -29.20 10.16 11.03
C ALA C 196 -28.53 11.32 11.76
N ARG C 197 -28.29 11.19 13.07
CA ARG C 197 -27.53 12.21 13.77
C ARG C 197 -26.03 12.16 13.47
N ILE C 198 -25.54 11.04 12.94
CA ILE C 198 -24.13 10.93 12.56
C ILE C 198 -23.88 11.55 11.19
N ALA C 199 -24.78 11.29 10.23
CA ALA C 199 -24.56 11.67 8.85
C ALA C 199 -25.91 11.64 8.13
N MET C 200 -25.92 12.12 6.88
CA MET C 200 -27.12 12.03 6.06
C MET C 200 -27.43 10.57 5.72
N VAL C 201 -28.67 10.17 5.92
CA VAL C 201 -29.12 8.84 5.52
C VAL C 201 -29.85 9.03 4.19
N ARG C 202 -29.18 8.66 3.08
CA ARG C 202 -29.75 8.97 1.77
C ARG C 202 -30.87 8.01 1.41
N ALA C 203 -30.87 6.81 1.98
CA ALA C 203 -31.88 5.83 1.61
C ALA C 203 -31.85 4.71 2.63
N ALA C 204 -32.99 4.02 2.74
CA ALA C 204 -33.15 2.81 3.52
C ALA C 204 -33.88 1.84 2.60
N LEU C 205 -33.13 1.01 1.87
CA LEU C 205 -33.72 0.17 0.84
C LEU C 205 -34.51 -0.97 1.49
N PRO C 206 -35.74 -1.23 1.05
CA PRO C 206 -36.52 -2.34 1.64
C PRO C 206 -35.80 -3.68 1.46
N ALA C 207 -35.85 -4.50 2.52
CA ALA C 207 -35.24 -5.82 2.47
C ALA C 207 -35.88 -6.70 1.39
N GLY C 208 -35.09 -7.63 0.87
CA GLY C 208 -35.60 -8.47 -0.20
C GLY C 208 -35.80 -7.77 -1.52
N ALA C 209 -35.10 -6.64 -1.74
CA ALA C 209 -35.29 -5.89 -2.97
C ALA C 209 -34.73 -6.60 -4.18
N ALA C 210 -33.86 -7.59 -3.98
CA ALA C 210 -33.31 -8.38 -5.08
C ALA C 210 -34.35 -9.25 -5.75
N SER C 211 -35.46 -9.54 -5.07
CA SER C 211 -36.55 -10.32 -5.64
C SER C 211 -37.58 -9.48 -6.37
N LEU C 212 -37.36 -8.16 -6.46
CA LEU C 212 -38.23 -7.28 -7.25
C LEU C 212 -37.90 -7.40 -8.73
N ASP C 213 -38.94 -7.35 -9.56
CA ASP C 213 -38.72 -7.35 -11.01
C ASP C 213 -38.23 -5.96 -11.44
N ALA C 214 -37.92 -5.83 -12.74
CA ALA C 214 -37.35 -4.59 -13.27
C ALA C 214 -38.21 -3.37 -12.92
N GLY C 215 -39.52 -3.43 -13.21
CA GLY C 215 -40.38 -2.30 -12.93
C GLY C 215 -40.45 -1.97 -11.45
N ASP C 216 -40.64 -3.01 -10.61
CA ASP C 216 -40.75 -2.80 -9.16
C ASP C 216 -39.43 -2.35 -8.56
N PHE C 217 -38.29 -2.87 -9.05
CA PHE C 217 -37.01 -2.41 -8.54
C PHE C 217 -36.79 -0.95 -8.92
N ALA C 218 -37.10 -0.60 -10.17
CA ALA C 218 -36.98 0.77 -10.64
C ALA C 218 -37.85 1.73 -9.82
N ALA C 219 -39.09 1.33 -9.54
CA ALA C 219 -39.96 2.17 -8.74
C ALA C 219 -39.44 2.28 -7.32
N MET C 220 -38.98 1.16 -6.75
CA MET C 220 -38.38 1.19 -5.41
C MET C 220 -37.22 2.17 -5.36
N SER C 221 -36.37 2.17 -6.38
CA SER C 221 -35.20 3.05 -6.36
C SER C 221 -35.61 4.51 -6.41
N ALA C 222 -36.45 4.88 -7.38
CA ALA C 222 -37.01 6.24 -7.44
C ALA C 222 -37.58 6.67 -6.09
N ALA C 223 -38.30 5.77 -5.41
CA ALA C 223 -38.90 6.13 -4.15
C ALA C 223 -37.87 6.21 -3.02
N ALA C 224 -36.77 5.45 -3.11
CA ALA C 224 -35.89 5.32 -1.95
C ALA C 224 -34.97 6.52 -1.76
N PHE C 225 -34.60 7.21 -2.84
CA PHE C 225 -33.62 8.28 -2.80
C PHE C 225 -34.30 9.63 -3.03
N ASP C 226 -33.80 10.68 -2.37
CA ASP C 226 -34.23 12.03 -2.69
C ASP C 226 -33.70 12.37 -4.08
N ARG C 227 -34.62 12.59 -5.03
CA ARG C 227 -34.20 12.86 -6.40
C ARG C 227 -33.37 14.13 -6.52
N ASN C 228 -33.55 15.09 -5.60
CA ASN C 228 -32.70 16.28 -5.64
C ASN C 228 -31.27 15.96 -5.24
N TRP C 229 -31.07 15.07 -4.27
CA TRP C 229 -29.71 14.68 -3.95
C TRP C 229 -29.10 13.86 -5.07
N VAL C 230 -29.89 12.99 -5.71
CA VAL C 230 -29.37 12.20 -6.84
C VAL C 230 -29.04 13.13 -8.00
N ALA C 231 -29.95 14.06 -8.31
CA ALA C 231 -29.70 15.03 -9.37
C ALA C 231 -28.43 15.84 -9.08
N GLY C 232 -28.33 16.39 -7.86
CA GLY C 232 -27.19 17.18 -7.47
C GLY C 232 -25.86 16.47 -7.42
N LEU C 233 -25.84 15.17 -7.72
CA LEU C 233 -24.59 14.40 -7.64
C LEU C 233 -23.68 14.77 -8.80
N VAL C 234 -24.24 14.86 -10.01
CA VAL C 234 -23.49 15.11 -11.23
C VAL C 234 -23.71 16.55 -11.68
N GLY C 235 -22.63 17.30 -11.83
CA GLY C 235 -22.65 18.47 -12.73
C GLY C 235 -23.09 18.03 -14.16
N HIS D 8 4.77 5.93 39.63
CA HIS D 8 4.30 4.86 38.75
C HIS D 8 2.80 4.55 38.95
N GLY D 9 2.44 3.90 40.06
CA GLY D 9 1.07 3.48 40.28
C GLY D 9 0.77 2.09 39.79
N GLY D 10 -0.46 1.84 39.32
CA GLY D 10 -0.84 0.58 38.73
C GLY D 10 -0.98 0.67 37.22
N THR D 11 -1.60 -0.35 36.65
CA THR D 11 -1.82 -0.43 35.21
C THR D 11 -3.31 -0.46 34.91
N ILE D 12 -3.77 0.47 34.07
CA ILE D 12 -5.14 0.41 33.54
C ILE D 12 -5.09 0.00 32.08
N LEU D 13 -5.95 -0.95 31.71
CA LEU D 13 -6.05 -1.48 30.36
C LEU D 13 -7.52 -1.47 29.96
N VAL D 14 -7.87 -0.72 28.93
CA VAL D 14 -9.22 -0.90 28.40
C VAL D 14 -9.21 -2.11 27.48
N VAL D 15 -10.21 -2.96 27.63
CA VAL D 15 -10.39 -4.12 26.76
C VAL D 15 -11.54 -3.77 25.84
N THR D 16 -11.26 -3.45 24.60
CA THR D 16 -12.32 -3.11 23.67
C THR D 16 -12.45 -4.21 22.62
N GLY D 17 -13.40 -4.03 21.71
CA GLY D 17 -13.68 -5.03 20.70
C GLY D 17 -13.95 -4.38 19.36
N THR D 18 -14.05 -5.22 18.33
CA THR D 18 -14.46 -4.72 17.03
C THR D 18 -15.97 -4.70 16.87
N GLY D 19 -16.68 -5.51 17.63
CA GLY D 19 -18.11 -5.42 17.65
C GLY D 19 -18.68 -6.05 18.89
N THR D 20 -19.96 -6.41 18.82
CA THR D 20 -20.59 -7.10 19.93
C THR D 20 -20.37 -8.60 19.79
N GLY D 21 -20.41 -9.30 20.92
CA GLY D 21 -20.31 -10.74 20.95
C GLY D 21 -19.00 -11.31 20.48
N VAL D 22 -17.91 -10.52 20.55
CA VAL D 22 -16.63 -11.00 20.04
C VAL D 22 -15.78 -11.66 21.11
N GLY D 23 -16.16 -11.57 22.38
CA GLY D 23 -15.46 -12.22 23.45
C GLY D 23 -14.74 -11.32 24.46
N LYS D 24 -15.05 -10.03 24.48
CA LYS D 24 -14.42 -9.13 25.45
C LYS D 24 -14.52 -9.68 26.88
N THR D 25 -15.72 -10.12 27.27
CA THR D 25 -15.94 -10.56 28.64
C THR D 25 -15.06 -11.76 28.99
N VAL D 26 -15.03 -12.79 28.13
CA VAL D 26 -14.22 -13.97 28.43
C VAL D 26 -12.74 -13.63 28.34
N VAL D 27 -12.36 -12.74 27.43
CA VAL D 27 -10.99 -12.22 27.41
C VAL D 27 -10.66 -11.52 28.72
N CYS D 28 -11.60 -10.72 29.25
CA CYS D 28 -11.38 -10.11 30.57
C CYS D 28 -11.18 -11.17 31.65
N ALA D 29 -12.03 -12.21 31.64
CA ALA D 29 -11.90 -13.31 32.59
C ALA D 29 -10.58 -14.05 32.39
N ALA D 30 -10.25 -14.40 31.15
CA ALA D 30 -9.04 -15.17 30.88
C ALA D 30 -7.79 -14.38 31.25
N LEU D 31 -7.77 -13.09 30.97
CA LEU D 31 -6.59 -12.31 31.33
C LEU D 31 -6.54 -12.11 32.84
N ALA D 32 -7.70 -11.91 33.48
CA ALA D 32 -7.73 -11.86 34.94
C ALA D 32 -7.21 -13.15 35.55
N SER D 33 -7.66 -14.29 35.03
CA SER D 33 -7.21 -15.57 35.55
C SER D 33 -5.69 -15.72 35.40
N ALA D 34 -5.16 -15.41 34.22
CA ALA D 34 -3.72 -15.53 34.02
C ALA D 34 -2.96 -14.55 34.91
N ALA D 35 -3.47 -13.33 35.05
CA ALA D 35 -2.77 -12.36 35.89
C ALA D 35 -2.82 -12.77 37.35
N ARG D 36 -3.98 -13.21 37.84
CA ARG D 36 -4.05 -13.68 39.23
C ARG D 36 -3.13 -14.87 39.43
N GLN D 37 -3.08 -15.79 38.46
CA GLN D 37 -2.20 -16.95 38.59
C GLN D 37 -0.73 -16.55 38.60
N ALA D 38 -0.39 -15.43 37.97
CA ALA D 38 0.95 -14.87 38.06
C ALA D 38 1.15 -14.00 39.30
N GLY D 39 0.23 -14.04 40.26
CA GLY D 39 0.38 -13.27 41.48
C GLY D 39 0.06 -11.80 41.36
N ILE D 40 -0.79 -11.41 40.40
CA ILE D 40 -1.20 -10.02 40.23
C ILE D 40 -2.59 -9.81 40.82
N ASP D 41 -2.75 -8.74 41.59
CA ASP D 41 -4.07 -8.29 42.04
C ASP D 41 -4.84 -7.70 40.85
N VAL D 42 -6.10 -8.09 40.68
CA VAL D 42 -6.85 -7.78 39.47
C VAL D 42 -8.22 -7.21 39.84
N ALA D 43 -8.58 -6.11 39.17
CA ALA D 43 -9.92 -5.53 39.27
C ALA D 43 -10.48 -5.36 37.87
N VAL D 44 -11.80 -5.41 37.75
CA VAL D 44 -12.49 -5.28 36.48
C VAL D 44 -13.63 -4.28 36.63
N CYS D 45 -13.67 -3.29 35.75
CA CYS D 45 -14.71 -2.27 35.75
C CYS D 45 -15.52 -2.37 34.46
N LYS D 46 -16.84 -2.41 34.60
CA LYS D 46 -17.78 -2.39 33.48
C LYS D 46 -18.76 -1.29 33.85
N PRO D 47 -18.48 -0.06 33.45
CA PRO D 47 -19.27 1.06 33.96
C PRO D 47 -20.72 1.06 33.51
N VAL D 48 -21.02 0.54 32.32
CA VAL D 48 -22.39 0.47 31.83
C VAL D 48 -22.67 -0.96 31.38
N GLN D 49 -23.79 -1.51 31.85
CA GLN D 49 -24.22 -2.87 31.54
C GLN D 49 -25.62 -2.81 30.96
N THR D 50 -25.79 -3.30 29.73
CA THR D 50 -27.11 -3.35 29.11
C THR D 50 -27.65 -4.79 29.12
N GLY D 51 -28.90 -4.91 28.70
CA GLY D 51 -29.53 -6.23 28.59
C GLY D 51 -29.75 -6.95 29.90
N THR D 52 -30.05 -6.23 30.97
CA THR D 52 -30.22 -6.88 32.27
C THR D 52 -31.57 -7.57 32.42
N ALA D 53 -32.54 -7.28 31.53
CA ALA D 53 -33.81 -7.99 31.59
C ALA D 53 -33.62 -9.46 31.28
N ARG D 54 -32.80 -9.77 30.28
CA ARG D 54 -32.42 -11.14 29.99
C ARG D 54 -31.23 -11.62 30.83
N GLY D 55 -30.87 -10.89 31.89
CA GLY D 55 -29.85 -11.34 32.82
C GLY D 55 -28.41 -11.19 32.36
N ASP D 56 -28.11 -10.28 31.43
CA ASP D 56 -26.72 -10.00 31.11
C ASP D 56 -26.03 -9.39 32.32
N ASP D 57 -24.81 -9.81 32.57
CA ASP D 57 -24.04 -9.36 33.73
C ASP D 57 -22.59 -9.78 33.49
N ASP D 58 -21.86 -8.90 32.81
CA ASP D 58 -20.50 -9.22 32.43
C ASP D 58 -19.59 -9.31 33.64
N LEU D 59 -19.84 -8.49 34.67
CA LEU D 59 -19.05 -8.56 35.88
C LEU D 59 -19.28 -9.87 36.64
N ALA D 60 -20.50 -10.39 36.64
CA ALA D 60 -20.73 -11.67 37.30
C ALA D 60 -20.02 -12.79 36.57
N GLU D 61 -19.96 -12.71 35.25
CA GLU D 61 -19.27 -13.72 34.46
C GLU D 61 -17.78 -13.73 34.76
N VAL D 62 -17.16 -12.54 34.83
CA VAL D 62 -15.77 -12.42 35.26
C VAL D 62 -15.62 -12.91 36.69
N GLY D 63 -16.56 -12.57 37.56
CA GLY D 63 -16.50 -13.03 38.95
C GLY D 63 -16.45 -14.54 39.03
N ARG D 64 -17.31 -15.22 38.28
CA ARG D 64 -17.33 -16.68 38.31
C ARG D 64 -16.09 -17.27 37.66
N LEU D 65 -15.77 -16.85 36.44
CA LEU D 65 -14.73 -17.54 35.69
C LEU D 65 -13.35 -17.32 36.28
N ALA D 66 -13.11 -16.16 36.92
CA ALA D 66 -11.78 -15.77 37.34
C ALA D 66 -11.62 -15.52 38.84
N GLY D 67 -12.70 -15.43 39.59
CA GLY D 67 -12.59 -15.22 41.03
C GLY D 67 -12.33 -13.79 41.45
N VAL D 68 -12.39 -12.84 40.50
CA VAL D 68 -12.19 -11.43 40.80
C VAL D 68 -13.31 -10.93 41.71
N THR D 69 -12.96 -10.14 42.71
CA THR D 69 -13.95 -9.55 43.61
C THR D 69 -14.12 -8.05 43.44
N GLN D 70 -13.07 -7.35 43.02
CA GLN D 70 -13.19 -5.92 42.73
C GLN D 70 -13.83 -5.79 41.35
N LEU D 71 -15.15 -5.70 41.35
CA LEU D 71 -16.00 -5.73 40.16
C LEU D 71 -16.88 -4.49 40.25
N ALA D 72 -16.63 -3.50 39.38
CA ALA D 72 -17.16 -2.16 39.59
C ALA D 72 -18.05 -1.73 38.43
N GLY D 73 -19.23 -1.22 38.76
CA GLY D 73 -20.17 -0.78 37.74
C GLY D 73 -20.93 0.45 38.19
N LEU D 74 -21.49 1.16 37.21
CA LEU D 74 -22.24 2.41 37.44
C LEU D 74 -23.70 2.34 37.03
N ALA D 75 -24.04 1.62 35.96
CA ALA D 75 -25.41 1.67 35.46
C ALA D 75 -25.80 0.32 34.88
N ARG D 76 -27.11 0.04 34.91
CA ARG D 76 -27.67 -1.21 34.40
C ARG D 76 -28.97 -0.89 33.65
N TYR D 77 -29.02 -1.26 32.38
CA TYR D 77 -30.19 -1.00 31.54
C TYR D 77 -30.81 -2.30 31.09
N PRO D 78 -32.13 -2.49 31.28
CA PRO D 78 -32.73 -3.80 31.01
C PRO D 78 -32.71 -4.15 29.53
N GLN D 79 -32.72 -3.17 28.64
CA GLN D 79 -32.89 -3.42 27.23
C GLN D 79 -31.61 -3.97 26.61
N PRO D 80 -31.70 -5.03 25.81
CA PRO D 80 -30.55 -5.52 25.04
C PRO D 80 -30.24 -4.62 23.85
N MET D 81 -29.67 -3.45 24.12
CA MET D 81 -29.39 -2.46 23.10
C MET D 81 -28.04 -1.82 23.43
N ALA D 82 -27.57 -0.96 22.54
CA ALA D 82 -26.41 -0.15 22.84
C ALA D 82 -26.73 0.79 24.01
N PRO D 83 -25.72 1.15 24.85
CA PRO D 83 -25.95 2.04 26.00
C PRO D 83 -26.84 3.26 25.73
N ALA D 84 -26.43 4.15 24.84
CA ALA D 84 -27.25 5.33 24.53
C ALA D 84 -28.67 4.94 24.15
N ALA D 85 -28.82 3.82 23.44
CA ALA D 85 -30.15 3.36 23.06
C ALA D 85 -30.91 2.86 24.28
N ALA D 86 -30.30 1.92 25.03
CA ALA D 86 -30.94 1.36 26.21
C ALA D 86 -31.37 2.46 27.17
N ALA D 87 -30.54 3.49 27.31
CA ALA D 87 -30.87 4.60 28.19
C ALA D 87 -32.05 5.40 27.64
N GLU D 88 -32.09 5.61 26.31
CA GLU D 88 -33.17 6.39 25.74
C GLU D 88 -34.49 5.65 25.82
N HIS D 89 -34.46 4.33 25.63
CA HIS D 89 -35.64 3.53 25.86
C HIS D 89 -36.14 3.72 27.29
N ALA D 90 -35.27 3.50 28.27
CA ALA D 90 -35.65 3.66 29.66
C ALA D 90 -35.98 5.10 30.03
N GLY D 91 -35.59 6.07 29.20
CA GLY D 91 -35.82 7.46 29.55
C GLY D 91 -34.98 7.96 30.72
N MET D 92 -33.72 7.52 30.79
CA MET D 92 -32.81 7.92 31.85
C MET D 92 -31.43 8.09 31.25
N ALA D 93 -30.76 9.18 31.62
CA ALA D 93 -29.48 9.51 31.00
C ALA D 93 -28.41 8.50 31.40
N LEU D 94 -27.36 8.43 30.58
CA LEU D 94 -26.17 7.66 30.91
C LEU D 94 -25.39 8.36 32.02
N PRO D 95 -24.45 7.69 32.68
CA PRO D 95 -23.62 8.37 33.68
C PRO D 95 -22.80 9.48 33.04
N ALA D 96 -22.23 10.33 33.89
CA ALA D 96 -21.41 11.40 33.37
C ALA D 96 -20.01 10.90 33.05
N ARG D 97 -19.31 11.67 32.22
CA ARG D 97 -17.90 11.40 31.98
C ARG D 97 -17.13 11.35 33.30
N ASP D 98 -17.42 12.29 34.20
CA ASP D 98 -16.76 12.35 35.51
C ASP D 98 -16.82 11.01 36.21
N GLN D 99 -18.02 10.44 36.32
CA GLN D 99 -18.23 9.23 37.09
C GLN D 99 -17.35 8.09 36.57
N ILE D 100 -17.33 7.90 35.25
CA ILE D 100 -16.62 6.76 34.68
C ILE D 100 -15.12 6.91 34.90
N VAL D 101 -14.57 8.06 34.53
CA VAL D 101 -13.12 8.28 34.65
C VAL D 101 -12.69 8.14 36.10
N ARG D 102 -13.44 8.74 37.02
CA ARG D 102 -13.07 8.73 38.44
C ARG D 102 -13.26 7.33 39.04
N LEU D 103 -14.34 6.63 38.68
CA LEU D 103 -14.50 5.26 39.14
C LEU D 103 -13.26 4.43 38.78
N ILE D 104 -12.83 4.53 37.51
CA ILE D 104 -11.68 3.76 37.05
C ILE D 104 -10.43 4.18 37.80
N ALA D 105 -10.22 5.50 37.92
CA ALA D 105 -9.00 6.01 38.55
C ALA D 105 -8.93 5.62 40.02
N ASP D 106 -10.08 5.64 40.71
CA ASP D 106 -10.12 5.23 42.11
C ASP D 106 -9.86 3.74 42.29
N LEU D 107 -10.21 2.92 41.29
CA LEU D 107 -9.90 1.49 41.36
C LEU D 107 -8.41 1.24 41.19
N ASP D 108 -7.73 2.10 40.46
CA ASP D 108 -6.33 1.87 40.14
C ASP D 108 -5.48 2.03 41.39
N ARG D 109 -4.59 1.07 41.61
CA ARG D 109 -3.65 1.14 42.73
C ARG D 109 -2.40 0.34 42.37
N PRO D 110 -1.26 0.62 43.01
CA PRO D 110 -0.02 -0.10 42.71
C PRO D 110 -0.15 -1.60 42.87
N GLY D 111 0.56 -2.34 42.00
CA GLY D 111 0.49 -3.78 41.95
C GLY D 111 -0.75 -4.37 41.33
N ARG D 112 -1.70 -3.54 40.87
CA ARG D 112 -2.98 -4.02 40.39
C ARG D 112 -3.14 -3.79 38.89
N LEU D 113 -3.66 -4.82 38.22
CA LEU D 113 -4.14 -4.68 36.85
C LEU D 113 -5.63 -4.37 36.89
N THR D 114 -6.02 -3.19 36.43
CA THR D 114 -7.43 -2.82 36.31
C THR D 114 -7.86 -2.94 34.85
N LEU D 115 -8.78 -3.86 34.57
CA LEU D 115 -9.34 -4.02 33.25
C LEU D 115 -10.68 -3.28 33.14
N VAL D 116 -10.87 -2.58 32.02
CA VAL D 116 -12.06 -1.78 31.79
C VAL D 116 -12.74 -2.32 30.53
N GLU D 117 -13.94 -2.88 30.70
CA GLU D 117 -14.73 -3.34 29.57
C GLU D 117 -15.79 -2.29 29.23
N GLY D 118 -15.83 -1.88 27.97
CA GLY D 118 -16.91 -1.05 27.47
C GLY D 118 -18.07 -1.88 26.98
N ALA D 119 -18.89 -1.27 26.12
CA ALA D 119 -20.04 -1.95 25.56
C ALA D 119 -19.93 -1.97 24.03
N GLY D 120 -19.84 -3.18 23.47
CA GLY D 120 -19.61 -3.35 22.05
C GLY D 120 -18.24 -2.83 21.64
N GLY D 121 -18.23 -1.86 20.72
CA GLY D 121 -17.01 -1.40 20.10
C GLY D 121 -16.46 -0.09 20.67
N LEU D 122 -15.32 0.31 20.09
CA LEU D 122 -14.49 1.37 20.67
C LEU D 122 -15.18 2.73 20.70
N LEU D 123 -16.00 3.04 19.69
CA LEU D 123 -16.60 4.36 19.59
C LEU D 123 -18.05 4.37 20.04
N VAL D 124 -18.50 3.31 20.71
CA VAL D 124 -19.84 3.29 21.29
C VAL D 124 -19.92 4.36 22.38
N GLU D 125 -21.03 5.09 22.41
CA GLU D 125 -21.25 6.10 23.44
C GLU D 125 -21.42 5.47 24.82
N LEU D 126 -20.62 5.90 25.80
CA LEU D 126 -20.70 5.38 27.16
C LEU D 126 -21.21 6.39 28.19
N ALA D 127 -20.96 7.67 27.99
CA ALA D 127 -21.39 8.73 28.90
C ALA D 127 -22.03 9.85 28.09
N GLU D 128 -22.63 10.85 28.80
CA GLU D 128 -23.69 11.69 28.24
C GLU D 128 -23.26 12.49 27.00
N PRO D 129 -22.35 13.47 27.09
CA PRO D 129 -22.07 14.21 25.84
C PRO D 129 -21.11 13.43 24.95
N GLY D 130 -21.63 12.37 24.35
CA GLY D 130 -20.91 11.60 23.34
C GLY D 130 -19.55 11.05 23.71
N VAL D 131 -19.38 10.58 24.95
CA VAL D 131 -18.09 10.12 25.46
C VAL D 131 -17.92 8.63 25.16
N THR D 132 -16.73 8.26 24.68
CA THR D 132 -16.47 6.88 24.31
C THR D 132 -15.38 6.29 25.19
N LEU D 133 -15.26 4.96 25.11
CA LEU D 133 -14.18 4.26 25.78
C LEU D 133 -12.80 4.77 25.37
N ARG D 134 -12.66 5.28 24.13
CA ARG D 134 -11.38 5.88 23.73
C ARG D 134 -11.11 7.16 24.52
N ASP D 135 -12.12 8.02 24.70
CA ASP D 135 -11.96 9.20 25.54
C ASP D 135 -11.52 8.79 26.93
N VAL D 136 -12.18 7.78 27.50
CA VAL D 136 -11.82 7.30 28.84
C VAL D 136 -10.36 6.87 28.89
N ALA D 137 -9.92 6.09 27.88
CA ALA D 137 -8.54 5.63 27.85
C ALA D 137 -7.55 6.80 27.82
N VAL D 138 -7.88 7.87 27.11
CA VAL D 138 -7.01 9.06 27.14
C VAL D 138 -6.89 9.57 28.57
N ASP D 139 -8.03 9.79 29.22
CA ASP D 139 -8.09 10.49 30.49
C ASP D 139 -7.39 9.73 31.61
N VAL D 140 -7.32 8.40 31.56
CA VAL D 140 -6.63 7.64 32.60
C VAL D 140 -5.33 7.04 32.10
N ALA D 141 -4.91 7.40 30.88
CA ALA D 141 -3.69 6.90 30.25
C ALA D 141 -3.66 5.36 30.27
N ALA D 142 -4.70 4.78 29.70
CA ALA D 142 -4.79 3.34 29.51
C ALA D 142 -4.43 2.98 28.08
N ALA D 143 -3.70 1.87 27.93
CA ALA D 143 -3.59 1.23 26.63
C ALA D 143 -4.89 0.48 26.31
N ALA D 144 -5.04 0.06 25.05
CA ALA D 144 -6.22 -0.68 24.63
C ALA D 144 -5.84 -2.07 24.13
N LEU D 145 -6.40 -3.09 24.76
CA LEU D 145 -6.37 -4.47 24.24
C LEU D 145 -7.60 -4.66 23.35
N VAL D 146 -7.39 -5.04 22.09
CA VAL D 146 -8.47 -5.13 21.11
C VAL D 146 -8.84 -6.59 20.89
N VAL D 147 -10.12 -6.91 21.11
CA VAL D 147 -10.66 -8.25 20.97
C VAL D 147 -11.33 -8.37 19.61
N VAL D 148 -10.92 -9.37 18.82
CA VAL D 148 -11.31 -9.45 17.42
C VAL D 148 -11.85 -10.84 17.12
N THR D 149 -12.53 -10.97 15.98
CA THR D 149 -12.94 -12.26 15.46
C THR D 149 -11.88 -12.82 14.50
N ALA D 150 -12.06 -14.10 14.14
CA ALA D 150 -11.28 -14.74 13.09
C ALA D 150 -12.04 -14.76 11.78
N ASP D 151 -13.21 -14.14 11.72
CA ASP D 151 -14.11 -14.30 10.60
C ASP D 151 -13.88 -13.21 9.56
N LEU D 152 -14.51 -13.41 8.40
CA LEU D 152 -14.54 -12.43 7.33
C LEU D 152 -14.79 -11.05 7.89
N GLY D 153 -14.01 -10.07 7.43
CA GLY D 153 -14.20 -8.68 7.82
C GLY D 153 -13.40 -8.26 9.04
N THR D 154 -12.76 -9.19 9.75
CA THR D 154 -12.00 -8.83 10.93
C THR D 154 -10.86 -7.87 10.57
N LEU D 155 -10.24 -8.08 9.41
CA LEU D 155 -9.10 -7.27 9.01
C LEU D 155 -9.52 -5.82 8.81
N ASN D 156 -10.62 -5.59 8.08
CA ASN D 156 -11.12 -4.23 7.95
C ASN D 156 -11.42 -3.61 9.31
N HIS D 157 -12.17 -4.32 10.15
CA HIS D 157 -12.60 -3.77 11.44
C HIS D 157 -11.41 -3.54 12.36
N THR D 158 -10.44 -4.46 12.38
CA THR D 158 -9.24 -4.27 13.21
C THR D 158 -8.43 -3.07 12.75
N LYS D 159 -8.17 -2.98 11.44
CA LYS D 159 -7.44 -1.82 10.93
C LYS D 159 -8.16 -0.53 11.27
N LEU D 160 -9.49 -0.50 11.09
CA LEU D 160 -10.25 0.71 11.44
C LEU D 160 -10.16 1.02 12.93
N THR D 161 -10.17 0.00 13.79
CA THR D 161 -10.06 0.22 15.22
C THR D 161 -8.66 0.74 15.58
N LEU D 162 -7.62 0.16 14.99
CA LEU D 162 -6.26 0.58 15.33
C LEU D 162 -5.98 2.01 14.85
N GLU D 163 -6.54 2.42 13.70
CA GLU D 163 -6.38 3.81 13.27
C GLU D 163 -7.08 4.76 14.24
N ALA D 164 -8.24 4.36 14.75
CA ALA D 164 -8.95 5.23 15.69
C ALA D 164 -8.20 5.34 17.01
N LEU D 165 -7.55 4.26 17.45
CA LEU D 165 -6.72 4.34 18.65
C LEU D 165 -5.54 5.28 18.43
N ALA D 166 -4.78 5.05 17.35
CA ALA D 166 -3.61 5.88 17.05
C ALA D 166 -3.99 7.34 16.85
N ALA D 167 -5.22 7.59 16.39
CA ALA D 167 -5.65 8.97 16.13
C ALA D 167 -5.64 9.82 17.40
N GLN D 168 -5.83 9.21 18.57
CA GLN D 168 -5.82 9.94 19.84
C GLN D 168 -4.70 9.46 20.76
N GLN D 169 -3.63 8.92 20.17
CA GLN D 169 -2.40 8.58 20.90
C GLN D 169 -2.66 7.60 22.03
N VAL D 170 -3.60 6.68 21.78
CA VAL D 170 -3.89 5.61 22.72
C VAL D 170 -3.14 4.38 22.26
N SER D 171 -2.16 3.97 23.05
CA SER D 171 -1.37 2.81 22.70
C SER D 171 -2.25 1.58 22.56
N CYS D 172 -1.93 0.74 21.58
CA CYS D 172 -2.59 -0.54 21.39
C CYS D 172 -1.77 -1.62 22.09
N ALA D 173 -2.35 -2.24 23.11
CA ALA D 173 -1.66 -3.28 23.87
C ALA D 173 -1.59 -4.61 23.14
N GLY D 174 -2.31 -4.75 22.01
CA GLY D 174 -2.28 -5.94 21.20
C GLY D 174 -3.68 -6.39 20.85
N LEU D 175 -3.74 -7.56 20.23
CA LEU D 175 -4.98 -8.16 19.77
C LEU D 175 -5.23 -9.43 20.55
N VAL D 176 -6.51 -9.74 20.76
CA VAL D 176 -6.92 -11.06 21.23
C VAL D 176 -8.05 -11.53 20.32
N ILE D 177 -7.86 -12.71 19.73
CA ILE D 177 -8.95 -13.43 19.08
C ILE D 177 -9.83 -13.98 20.20
N GLY D 178 -11.02 -13.41 20.37
CA GLY D 178 -11.86 -13.79 21.50
C GLY D 178 -12.31 -15.24 21.47
N SER D 179 -12.64 -15.76 20.28
CA SER D 179 -13.07 -17.13 20.11
C SER D 179 -12.34 -17.73 18.91
N TRP D 180 -11.46 -18.70 19.17
CA TRP D 180 -10.71 -19.37 18.12
C TRP D 180 -11.34 -20.73 17.82
N PRO D 181 -11.88 -20.95 16.63
CA PRO D 181 -12.68 -22.16 16.38
C PRO D 181 -11.82 -23.43 16.29
N ASP D 182 -12.51 -24.56 16.29
CA ASP D 182 -11.88 -25.87 16.20
C ASP D 182 -12.77 -26.79 15.35
N PRO D 183 -12.33 -27.15 14.14
CA PRO D 183 -11.04 -26.70 13.59
C PRO D 183 -11.20 -25.41 12.80
N PRO D 184 -10.09 -24.69 12.58
CA PRO D 184 -10.14 -23.42 11.85
C PRO D 184 -10.29 -23.64 10.35
N GLY D 185 -11.37 -23.10 9.78
CA GLY D 185 -11.57 -23.14 8.34
C GLY D 185 -10.53 -22.32 7.59
N LEU D 186 -10.74 -22.21 6.27
CA LEU D 186 -9.82 -21.46 5.42
C LEU D 186 -9.73 -20.00 5.85
N VAL D 187 -10.88 -19.35 6.07
CA VAL D 187 -10.89 -17.93 6.38
C VAL D 187 -10.27 -17.68 7.75
N ALA D 188 -10.75 -18.41 8.78
CA ALA D 188 -10.20 -18.26 10.12
C ALA D 188 -8.68 -18.40 10.12
N ALA D 189 -8.18 -19.47 9.48
CA ALA D 189 -6.74 -19.69 9.44
C ALA D 189 -6.01 -18.54 8.76
N SER D 190 -6.54 -18.09 7.62
CA SER D 190 -5.94 -16.97 6.90
C SER D 190 -5.88 -15.71 7.76
N ASN D 191 -6.98 -15.40 8.46
CA ASN D 191 -7.04 -14.16 9.22
C ASN D 191 -6.07 -14.15 10.39
N ARG D 192 -5.87 -15.29 11.05
CA ARG D 192 -4.92 -15.35 12.15
C ARG D 192 -3.53 -14.91 11.69
N SER D 193 -3.07 -15.43 10.55
CA SER D 193 -1.79 -14.99 10.01
C SER D 193 -1.82 -13.50 9.70
N ALA D 194 -2.89 -13.03 9.05
CA ALA D 194 -2.92 -11.65 8.59
C ALA D 194 -3.06 -10.68 9.75
N LEU D 195 -3.83 -11.05 10.79
CA LEU D 195 -3.93 -10.21 11.98
C LEU D 195 -2.56 -10.05 12.65
N ALA D 196 -1.79 -11.13 12.75
CA ALA D 196 -0.45 -11.02 13.33
C ALA D 196 0.48 -10.13 12.52
N ARG D 197 0.12 -9.79 11.28
CA ARG D 197 0.91 -8.79 10.57
C ARG D 197 0.50 -7.39 10.95
N ILE D 198 -0.70 -7.22 11.51
CA ILE D 198 -1.19 -5.91 11.92
C ILE D 198 -0.65 -5.55 13.29
N ALA D 199 -0.73 -6.48 14.24
CA ALA D 199 -0.33 -6.23 15.63
C ALA D 199 -0.06 -7.56 16.31
N MET D 200 0.45 -7.47 17.54
CA MET D 200 0.73 -8.66 18.31
C MET D 200 -0.58 -9.36 18.65
N VAL D 201 -0.62 -10.67 18.47
CA VAL D 201 -1.76 -11.47 18.86
C VAL D 201 -1.39 -12.06 20.22
N ARG D 202 -1.79 -11.36 21.28
CA ARG D 202 -1.47 -11.79 22.63
C ARG D 202 -2.04 -13.16 22.94
N ALA D 203 -3.19 -13.50 22.35
CA ALA D 203 -3.85 -14.77 22.63
C ALA D 203 -4.93 -14.99 21.58
N ALA D 204 -5.32 -16.26 21.44
CA ALA D 204 -6.52 -16.67 20.72
C ALA D 204 -7.25 -17.64 21.63
N LEU D 205 -8.43 -17.27 22.09
CA LEU D 205 -9.05 -18.08 23.15
C LEU D 205 -9.87 -19.20 22.53
N PRO D 206 -9.84 -20.42 23.07
CA PRO D 206 -10.63 -21.49 22.45
C PRO D 206 -12.11 -21.22 22.57
N ALA D 207 -12.85 -21.51 21.49
CA ALA D 207 -14.30 -21.36 21.54
C ALA D 207 -14.90 -22.22 22.65
N GLY D 208 -16.00 -21.77 23.21
CA GLY D 208 -16.62 -22.50 24.29
C GLY D 208 -15.89 -22.47 25.61
N ALA D 209 -14.91 -21.56 25.78
CA ALA D 209 -14.12 -21.53 27.02
C ALA D 209 -14.95 -21.11 28.23
N ALA D 210 -16.08 -20.45 28.03
CA ALA D 210 -16.88 -20.01 29.17
C ALA D 210 -17.64 -21.16 29.81
N SER D 211 -18.07 -22.15 29.00
CA SER D 211 -18.72 -23.32 29.54
C SER D 211 -17.76 -24.23 30.31
N LEU D 212 -16.45 -24.00 30.19
CA LEU D 212 -15.50 -24.68 31.06
C LEU D 212 -15.80 -24.35 32.52
N ASP D 213 -15.23 -25.16 33.41
CA ASP D 213 -15.23 -24.81 34.83
C ASP D 213 -13.96 -24.05 35.14
N ALA D 214 -13.98 -23.30 36.24
CA ALA D 214 -12.86 -22.43 36.58
C ALA D 214 -11.56 -23.18 36.86
N GLY D 215 -11.59 -24.52 36.93
CA GLY D 215 -10.38 -25.30 37.04
C GLY D 215 -9.68 -25.50 35.71
N ASP D 216 -10.44 -26.01 34.71
CA ASP D 216 -9.92 -26.06 33.35
C ASP D 216 -9.70 -24.65 32.79
N PHE D 217 -10.58 -23.72 33.15
CA PHE D 217 -10.45 -22.33 32.71
C PHE D 217 -9.14 -21.72 33.20
N ALA D 218 -8.73 -22.07 34.42
CA ALA D 218 -7.43 -21.63 34.91
C ALA D 218 -6.32 -22.14 34.00
N ALA D 219 -6.36 -23.44 33.67
CA ALA D 219 -5.34 -24.03 32.81
C ALA D 219 -5.33 -23.37 31.44
N MET D 220 -6.52 -23.13 30.88
CA MET D 220 -6.61 -22.48 29.58
C MET D 220 -6.05 -21.06 29.65
N SER D 221 -6.47 -20.30 30.66
CA SER D 221 -6.02 -18.91 30.74
C SER D 221 -4.52 -18.82 30.90
N ALA D 222 -3.93 -19.73 31.70
CA ALA D 222 -2.50 -19.70 31.93
C ALA D 222 -1.71 -19.94 30.65
N ALA D 223 -2.23 -20.83 29.79
CA ALA D 223 -1.55 -21.18 28.56
C ALA D 223 -1.88 -20.26 27.39
N ALA D 224 -3.00 -19.54 27.48
CA ALA D 224 -3.41 -18.70 26.35
C ALA D 224 -2.46 -17.52 26.17
N PHE D 225 -2.00 -16.92 27.25
CA PHE D 225 -1.19 -15.72 27.21
C PHE D 225 0.28 -16.04 27.49
N ASP D 226 1.16 -15.28 26.85
CA ASP D 226 2.59 -15.35 27.16
C ASP D 226 2.80 -14.83 28.58
N ARG D 227 3.16 -15.73 29.49
CA ARG D 227 3.23 -15.36 30.91
C ARG D 227 4.23 -14.24 31.15
N ASN D 228 5.25 -14.12 30.30
CA ASN D 228 6.17 -13.00 30.41
C ASN D 228 5.50 -11.68 30.03
N TRP D 229 4.54 -11.72 29.11
CA TRP D 229 3.79 -10.52 28.78
C TRP D 229 2.83 -10.14 29.91
N VAL D 230 2.14 -11.13 30.47
CA VAL D 230 1.21 -10.87 31.56
C VAL D 230 1.95 -10.33 32.77
N ALA D 231 3.08 -10.94 33.13
CA ALA D 231 3.82 -10.49 34.31
C ALA D 231 4.42 -9.09 34.10
N GLY D 232 4.70 -8.72 32.85
CA GLY D 232 5.20 -7.38 32.55
C GLY D 232 4.13 -6.30 32.42
N LEU D 233 2.85 -6.67 32.44
CA LEU D 233 1.80 -5.66 32.51
C LEU D 233 1.87 -4.89 33.82
N VAL D 234 2.21 -5.60 34.91
CA VAL D 234 2.30 -5.07 36.28
C VAL D 234 1.15 -4.14 36.63
#